data_1OU4
#
_entry.id   1OU4
#
_cell.length_a   121.615
_cell.length_b   121.615
_cell.length_c   243.225
_cell.angle_alpha   90.00
_cell.angle_beta   90.00
_cell.angle_gamma   120.00
#
_symmetry.space_group_name_H-M   'P 61 2 2'
#
loop_
_entity.id
_entity.type
_entity.pdbx_description
1 polymer 'Purine nucleoside phosphorylase'
2 non-polymer 'PHOSPHATE ION'
3 non-polymer 6-METHYLPURINE
4 water water
#
_entity_poly.entity_id   1
_entity_poly.type   'polypeptide(L)'
_entity_poly.pdbx_seq_one_letter_code
;ATPHINAEMGDFADVVLMPGDPLRAKYIAETFLEDAREVNNVRGMLGFTGTYKGRKISVMGHGMGIPSCSIYTKELITDF
GVKKIIRVGSCGAVLPHVKLRDVVIGMGACTDSKVNRIRFKDHDFAAIADFDMVRNAVDAAKALGIDARVGNLFSADLFY
SPDGEMFDVMEKYGILGVEMEAAGIYGVAAEFGAKALTICTVSDHIRTHEQTTAAERQTTFNDMIKIALESVLLGDKE
;
_entity_poly.pdbx_strand_id   A,B,C
#
loop_
_chem_comp.id
_chem_comp.type
_chem_comp.name
_chem_comp.formula
6MP non-polymer 6-METHYLPURINE 'C6 H6 N4'
PO4 non-polymer 'PHOSPHATE ION' 'O4 P -3'
#
# COMPACT_ATOMS: atom_id res chain seq x y z
N ALA A 1 28.58 24.71 12.72
CA ALA A 1 28.78 23.65 11.69
C ALA A 1 27.74 22.54 11.83
N THR A 2 27.52 21.81 10.76
CA THR A 2 26.56 20.71 10.77
C THR A 2 27.23 19.45 10.26
N PRO A 3 26.58 18.29 10.43
CA PRO A 3 27.14 17.01 9.98
C PRO A 3 27.69 17.00 8.56
N HIS A 4 27.12 17.81 7.67
CA HIS A 4 27.59 17.83 6.29
C HIS A 4 28.02 19.20 5.78
N ILE A 5 27.94 20.22 6.64
CA ILE A 5 28.33 21.57 6.24
C ILE A 5 29.24 22.21 7.31
N ASN A 6 30.51 22.41 6.95
CA ASN A 6 31.47 23.02 7.87
C ASN A 6 31.49 24.53 7.69
N ALA A 7 30.54 25.19 8.34
CA ALA A 7 30.42 26.64 8.27
C ALA A 7 29.59 27.13 9.46
N GLU A 8 29.57 28.44 9.67
CA GLU A 8 28.82 29.04 10.77
C GLU A 8 27.69 29.93 10.28
N MET A 9 26.77 30.26 11.18
CA MET A 9 25.63 31.12 10.84
C MET A 9 26.13 32.40 10.19
N GLY A 10 25.47 32.83 9.13
CA GLY A 10 25.87 34.04 8.44
C GLY A 10 26.72 33.79 7.22
N ASP A 11 27.31 32.61 7.10
CA ASP A 11 28.14 32.32 5.95
C ASP A 11 27.35 32.16 4.67
N PHE A 12 26.11 31.66 4.78
CA PHE A 12 25.27 31.50 3.61
C PHE A 12 24.25 32.64 3.57
N ALA A 13 23.86 33.06 2.38
CA ALA A 13 22.86 34.12 2.24
C ALA A 13 21.50 33.47 2.51
N ASP A 14 20.45 34.28 2.58
CA ASP A 14 19.11 33.76 2.82
C ASP A 14 18.49 33.12 1.59
N VAL A 15 19.23 33.14 0.47
CA VAL A 15 18.75 32.55 -0.78
C VAL A 15 19.86 31.66 -1.32
N VAL A 16 19.54 30.41 -1.64
CA VAL A 16 20.55 29.49 -2.13
C VAL A 16 20.24 28.79 -3.44
N LEU A 17 21.16 28.90 -4.40
CA LEU A 17 21.02 28.24 -5.69
C LEU A 17 21.72 26.90 -5.53
N MET A 18 21.09 25.82 -6.00
CA MET A 18 21.66 24.49 -5.86
C MET A 18 21.64 23.64 -7.12
N PRO A 19 22.81 23.41 -7.73
CA PRO A 19 22.84 22.57 -8.93
C PRO A 19 23.07 21.12 -8.50
N GLY A 20 22.90 20.18 -9.41
CA GLY A 20 23.11 18.77 -9.05
C GLY A 20 24.59 18.50 -8.82
N ASP A 21 25.37 18.60 -9.88
CA ASP A 21 26.81 18.38 -9.83
C ASP A 21 27.54 19.52 -9.13
N PRO A 22 28.39 19.19 -8.14
CA PRO A 22 29.18 20.13 -7.35
C PRO A 22 30.15 21.00 -8.17
N LEU A 23 30.58 20.47 -9.31
CA LEU A 23 31.50 21.20 -10.18
C LEU A 23 30.84 22.45 -10.74
N ARG A 24 29.52 22.41 -10.86
CA ARG A 24 28.76 23.53 -11.40
C ARG A 24 28.65 24.71 -10.43
N ALA A 25 28.70 24.42 -9.14
CA ALA A 25 28.61 25.48 -8.13
C ALA A 25 29.84 26.37 -8.23
N LYS A 26 30.95 25.77 -8.63
CA LYS A 26 32.22 26.48 -8.79
C LYS A 26 32.13 27.40 -10.01
N TYR A 27 31.51 26.88 -11.07
CA TYR A 27 31.33 27.64 -12.30
C TYR A 27 30.37 28.80 -12.10
N ILE A 28 29.23 28.54 -11.43
CA ILE A 28 28.23 29.57 -11.17
C ILE A 28 28.84 30.77 -10.46
N ALA A 29 29.57 30.49 -9.38
CA ALA A 29 30.19 31.52 -8.56
C ALA A 29 31.21 32.38 -9.29
N GLU A 30 32.03 31.78 -10.14
CA GLU A 30 33.05 32.54 -10.86
C GLU A 30 32.50 33.17 -12.13
N THR A 31 31.34 32.71 -12.59
CA THR A 31 30.74 33.24 -13.81
C THR A 31 29.64 34.27 -13.59
N PHE A 32 28.92 34.21 -12.48
CA PHE A 32 27.83 35.16 -12.25
C PHE A 32 27.89 36.02 -10.99
N LEU A 33 28.55 35.54 -9.95
CA LEU A 33 28.64 36.30 -8.71
C LEU A 33 29.93 37.12 -8.62
N GLU A 34 29.92 38.13 -7.77
CA GLU A 34 31.07 38.99 -7.57
C GLU A 34 31.52 38.86 -6.11
N ASP A 35 32.81 39.09 -5.86
CA ASP A 35 33.36 39.02 -4.50
C ASP A 35 32.97 37.71 -3.80
N ALA A 36 33.11 36.59 -4.50
CA ALA A 36 32.76 35.31 -3.93
C ALA A 36 33.81 34.75 -2.97
N ARG A 37 33.33 34.10 -1.91
CA ARG A 37 34.19 33.47 -0.91
C ARG A 37 33.70 32.04 -0.71
N GLU A 38 34.61 31.12 -0.40
CA GLU A 38 34.24 29.72 -0.19
C GLU A 38 33.71 29.55 1.23
N VAL A 39 32.67 28.74 1.38
CA VAL A 39 32.09 28.50 2.70
C VAL A 39 31.97 27.03 3.09
N ASN A 40 32.16 26.13 2.13
CA ASN A 40 32.07 24.70 2.42
C ASN A 40 32.78 23.81 1.40
N ASN A 41 33.38 22.73 1.89
CA ASN A 41 34.09 21.79 1.04
C ASN A 41 33.91 20.33 1.49
N VAL A 42 33.20 20.14 2.60
CA VAL A 42 32.96 18.79 3.12
C VAL A 42 32.45 17.85 2.02
N ARG A 43 33.05 16.66 1.96
CA ARG A 43 32.68 15.64 0.97
C ARG A 43 32.84 16.11 -0.47
N GLY A 44 33.48 17.26 -0.65
CA GLY A 44 33.69 17.79 -1.98
C GLY A 44 32.49 18.54 -2.54
N MET A 45 31.54 18.87 -1.66
CA MET A 45 30.35 19.60 -2.06
C MET A 45 30.63 21.09 -1.79
N LEU A 46 31.36 21.71 -2.72
CA LEU A 46 31.74 23.12 -2.60
C LEU A 46 30.57 24.11 -2.47
N GLY A 47 30.71 25.05 -1.53
CA GLY A 47 29.70 26.06 -1.29
C GLY A 47 30.29 27.46 -1.38
N PHE A 48 29.59 28.36 -2.06
CA PHE A 48 30.08 29.73 -2.23
C PHE A 48 29.02 30.79 -1.92
N THR A 49 29.48 31.96 -1.49
CA THR A 49 28.60 33.08 -1.17
C THR A 49 29.17 34.32 -1.87
N GLY A 50 28.28 35.18 -2.35
CA GLY A 50 28.71 36.39 -3.03
C GLY A 50 27.53 37.28 -3.35
N THR A 51 27.67 38.16 -4.32
CA THR A 51 26.57 39.05 -4.69
C THR A 51 26.34 39.12 -6.20
N TYR A 52 25.08 39.33 -6.55
CA TYR A 52 24.65 39.47 -7.94
C TYR A 52 23.88 40.78 -7.96
N LYS A 53 24.51 41.81 -8.50
CA LYS A 53 23.91 43.14 -8.57
C LYS A 53 23.55 43.63 -7.17
N GLY A 54 24.47 43.45 -6.23
CA GLY A 54 24.26 43.89 -4.87
C GLY A 54 23.44 42.97 -3.98
N ARG A 55 22.91 41.89 -4.55
CA ARG A 55 22.10 40.95 -3.79
C ARG A 55 22.99 39.80 -3.30
N LYS A 56 22.98 39.57 -2.00
CA LYS A 56 23.78 38.49 -1.43
C LYS A 56 23.14 37.16 -1.81
N ILE A 57 23.94 36.27 -2.42
CA ILE A 57 23.45 34.97 -2.86
C ILE A 57 24.49 33.86 -2.66
N SER A 58 24.03 32.65 -2.36
CA SER A 58 24.92 31.52 -2.16
C SER A 58 24.60 30.40 -3.16
N VAL A 59 25.60 29.57 -3.46
CA VAL A 59 25.43 28.47 -4.39
C VAL A 59 26.20 27.25 -3.90
N MET A 60 25.60 26.07 -4.00
CA MET A 60 26.22 24.82 -3.55
C MET A 60 25.49 23.59 -4.11
N GLY A 61 26.26 22.57 -4.47
CA GLY A 61 25.68 21.35 -5.03
C GLY A 61 24.91 20.52 -4.01
N HIS A 62 23.86 19.82 -4.46
CA HIS A 62 23.06 19.01 -3.54
C HIS A 62 23.13 17.49 -3.76
N GLY A 63 23.91 17.06 -4.74
CA GLY A 63 24.03 15.63 -5.02
C GLY A 63 22.83 15.05 -5.74
N MET A 64 22.85 13.75 -6.00
CA MET A 64 21.75 13.09 -6.69
C MET A 64 20.78 12.37 -5.76
N GLY A 65 19.49 12.50 -6.03
CA GLY A 65 18.49 11.82 -5.22
C GLY A 65 17.86 12.58 -4.07
N ILE A 66 16.61 12.23 -3.76
CA ILE A 66 15.85 12.84 -2.68
C ILE A 66 16.60 12.81 -1.34
N PRO A 67 17.17 11.64 -0.97
CA PRO A 67 17.90 11.53 0.30
C PRO A 67 19.04 12.55 0.44
N SER A 68 19.87 12.64 -0.59
CA SER A 68 21.00 13.57 -0.57
C SER A 68 20.58 15.03 -0.41
N CYS A 69 19.72 15.52 -1.29
CA CYS A 69 19.29 16.91 -1.25
C CYS A 69 18.49 17.23 0.01
N SER A 70 17.85 16.23 0.60
CA SER A 70 17.08 16.43 1.82
C SER A 70 18.02 16.75 2.97
N ILE A 71 19.22 16.19 2.92
CA ILE A 71 20.24 16.41 3.93
C ILE A 71 20.63 17.88 3.93
N TYR A 72 21.08 18.34 2.78
CA TYR A 72 21.53 19.72 2.61
C TYR A 72 20.45 20.76 2.78
N THR A 73 19.29 20.58 2.16
CA THR A 73 18.24 21.58 2.30
C THR A 73 17.73 21.69 3.74
N LYS A 74 17.82 20.60 4.50
CA LYS A 74 17.36 20.63 5.89
C LYS A 74 18.32 21.43 6.75
N GLU A 75 19.62 21.13 6.62
CA GLU A 75 20.65 21.82 7.39
C GLU A 75 20.72 23.32 7.07
N LEU A 76 20.61 23.67 5.79
CA LEU A 76 20.66 25.07 5.40
C LEU A 76 19.49 25.85 6.02
N ILE A 77 18.30 25.26 6.01
CA ILE A 77 17.10 25.89 6.55
C ILE A 77 17.08 26.07 8.06
N THR A 78 17.40 25.01 8.82
CA THR A 78 17.35 25.12 10.28
C THR A 78 18.60 25.60 10.98
N ASP A 79 19.75 25.54 10.31
CA ASP A 79 20.99 25.96 10.95
C ASP A 79 21.65 27.21 10.39
N PHE A 80 21.35 27.55 9.13
CA PHE A 80 21.95 28.73 8.53
C PHE A 80 20.97 29.82 8.10
N GLY A 81 19.75 29.76 8.63
CA GLY A 81 18.74 30.75 8.33
C GLY A 81 18.26 30.90 6.89
N VAL A 82 18.52 29.91 6.04
CA VAL A 82 18.10 29.99 4.65
C VAL A 82 16.58 30.04 4.51
N LYS A 83 16.09 30.98 3.71
CA LYS A 83 14.66 31.18 3.46
C LYS A 83 14.21 30.63 2.11
N LYS A 84 15.08 30.73 1.11
CA LYS A 84 14.75 30.25 -0.22
C LYS A 84 15.81 29.36 -0.84
N ILE A 85 15.35 28.28 -1.46
CA ILE A 85 16.22 27.34 -2.14
C ILE A 85 15.73 27.22 -3.59
N ILE A 86 16.66 27.31 -4.54
CA ILE A 86 16.30 27.17 -5.95
C ILE A 86 17.18 26.11 -6.60
N ARG A 87 16.58 24.97 -6.96
CA ARG A 87 17.34 23.91 -7.61
C ARG A 87 17.39 24.17 -9.12
N VAL A 88 18.59 24.09 -9.68
CA VAL A 88 18.79 24.31 -11.11
C VAL A 88 19.51 23.10 -11.67
N GLY A 89 18.83 22.35 -12.53
CA GLY A 89 19.43 21.16 -13.13
C GLY A 89 18.80 20.75 -14.45
N SER A 90 18.93 19.48 -14.81
CA SER A 90 18.37 19.00 -16.06
C SER A 90 17.32 17.92 -15.86
N CYS A 91 16.67 17.51 -16.95
CA CYS A 91 15.63 16.48 -16.86
C CYS A 91 15.32 15.84 -18.21
N GLY A 92 14.77 14.64 -18.15
CA GLY A 92 14.37 13.93 -19.35
C GLY A 92 12.90 14.26 -19.59
N ALA A 93 12.46 14.21 -20.84
CA ALA A 93 11.07 14.53 -21.16
C ALA A 93 10.32 13.36 -21.76
N VAL A 94 9.00 13.35 -21.60
CA VAL A 94 8.17 12.28 -22.13
C VAL A 94 7.11 12.79 -23.10
N LEU A 95 6.85 14.10 -23.05
CA LEU A 95 5.85 14.72 -23.93
C LEU A 95 6.47 15.09 -25.27
N PRO A 96 5.81 14.70 -26.37
CA PRO A 96 6.29 15.00 -27.73
C PRO A 96 6.49 16.48 -27.98
N HIS A 97 5.52 17.29 -27.56
CA HIS A 97 5.59 18.74 -27.77
C HIS A 97 6.54 19.46 -26.83
N VAL A 98 7.39 18.70 -26.14
CA VAL A 98 8.38 19.28 -25.23
C VAL A 98 9.73 19.04 -25.89
N LYS A 99 10.28 20.07 -26.52
CA LYS A 99 11.55 19.96 -27.22
C LYS A 99 12.76 19.95 -26.30
N LEU A 100 13.87 19.42 -26.83
CA LEU A 100 15.12 19.34 -26.09
C LEU A 100 15.62 20.75 -25.82
N ARG A 101 16.13 20.98 -24.61
CA ARG A 101 16.65 22.28 -24.21
C ARG A 101 15.58 23.27 -23.74
N ASP A 102 14.33 22.82 -23.66
CA ASP A 102 13.27 23.71 -23.19
C ASP A 102 13.48 23.97 -21.71
N VAL A 103 12.95 25.10 -21.24
CA VAL A 103 13.06 25.44 -19.82
C VAL A 103 11.74 25.08 -19.14
N VAL A 104 11.82 24.21 -18.15
CA VAL A 104 10.66 23.75 -17.40
C VAL A 104 10.71 24.20 -15.93
N ILE A 105 9.60 24.74 -15.43
CA ILE A 105 9.51 25.19 -14.04
C ILE A 105 8.57 24.22 -13.30
N GLY A 106 9.01 23.71 -12.16
CA GLY A 106 8.19 22.75 -11.43
C GLY A 106 7.24 23.35 -10.40
N MET A 107 6.01 23.62 -10.81
CA MET A 107 5.01 24.16 -9.88
C MET A 107 4.63 23.04 -8.92
N GLY A 108 4.77 21.81 -9.39
CA GLY A 108 4.45 20.64 -8.58
C GLY A 108 5.40 19.52 -8.93
N ALA A 109 5.45 18.49 -8.08
CA ALA A 109 6.34 17.36 -8.32
C ALA A 109 5.79 16.03 -7.80
N CYS A 110 5.49 15.13 -8.73
CA CYS A 110 4.99 13.79 -8.42
C CYS A 110 6.22 13.00 -8.01
N THR A 111 6.02 11.80 -7.46
CA THR A 111 7.16 10.97 -7.06
C THR A 111 6.75 9.54 -6.73
N ASP A 112 7.71 8.62 -6.82
CA ASP A 112 7.46 7.23 -6.48
C ASP A 112 8.20 6.90 -5.19
N SER A 113 8.64 7.96 -4.50
CA SER A 113 9.35 7.83 -3.23
C SER A 113 8.33 7.79 -2.09
N LYS A 114 8.76 7.29 -0.95
CA LYS A 114 7.90 7.18 0.22
C LYS A 114 8.15 8.24 1.29
N VAL A 115 9.11 9.13 1.07
CA VAL A 115 9.40 10.13 2.11
C VAL A 115 8.21 11.00 2.52
N ASN A 116 7.42 11.46 1.56
CA ASN A 116 6.30 12.31 1.93
C ASN A 116 5.15 11.54 2.60
N ARG A 117 4.94 10.28 2.22
CA ARG A 117 3.87 9.49 2.85
C ARG A 117 4.22 9.30 4.31
N ILE A 118 5.50 9.05 4.58
CA ILE A 118 5.97 8.88 5.95
C ILE A 118 5.70 10.15 6.77
N ARG A 119 5.74 11.31 6.11
CA ARG A 119 5.50 12.58 6.78
C ARG A 119 4.01 12.90 6.92
N PHE A 120 3.22 12.50 5.92
CA PHE A 120 1.80 12.80 5.86
C PHE A 120 0.83 11.68 6.24
N LYS A 121 1.15 10.92 7.28
CA LYS A 121 0.29 9.84 7.74
C LYS A 121 -0.13 8.87 6.64
N ASP A 122 0.77 8.63 5.68
CA ASP A 122 0.51 7.72 4.57
C ASP A 122 -0.59 8.20 3.61
N HIS A 123 -0.79 9.51 3.56
CA HIS A 123 -1.78 10.10 2.65
C HIS A 123 -1.07 10.82 1.50
N ASP A 124 -1.85 11.42 0.60
CA ASP A 124 -1.28 12.14 -0.53
C ASP A 124 -0.94 13.58 -0.21
N PHE A 125 0.35 13.90 -0.20
CA PHE A 125 0.78 15.27 0.04
C PHE A 125 1.14 15.81 -1.33
N ALA A 126 0.63 16.99 -1.68
CA ALA A 126 0.94 17.58 -2.97
C ALA A 126 2.18 18.46 -2.83
N ALA A 127 3.33 17.91 -3.18
CA ALA A 127 4.60 18.62 -3.11
C ALA A 127 4.64 19.74 -4.15
N ILE A 128 4.44 20.97 -3.70
CA ILE A 128 4.43 22.13 -4.58
C ILE A 128 5.48 23.20 -4.20
N ALA A 129 5.78 24.07 -5.16
CA ALA A 129 6.74 25.14 -4.95
C ALA A 129 6.05 26.38 -4.41
N ASP A 130 6.83 27.38 -4.02
CA ASP A 130 6.25 28.63 -3.54
C ASP A 130 5.73 29.36 -4.78
N PHE A 131 4.46 29.75 -4.76
CA PHE A 131 3.85 30.42 -5.90
C PHE A 131 4.57 31.69 -6.41
N ASP A 132 4.92 32.58 -5.51
CA ASP A 132 5.60 33.81 -5.93
C ASP A 132 6.91 33.51 -6.64
N MET A 133 7.63 32.49 -6.17
CA MET A 133 8.89 32.12 -6.79
C MET A 133 8.63 31.61 -8.21
N VAL A 134 7.53 30.91 -8.40
CA VAL A 134 7.16 30.38 -9.71
C VAL A 134 6.87 31.53 -10.68
N ARG A 135 6.10 32.51 -10.24
CA ARG A 135 5.77 33.65 -11.09
C ARG A 135 6.99 34.54 -11.36
N ASN A 136 7.89 34.64 -10.37
CA ASN A 136 9.09 35.44 -10.53
C ASN A 136 9.92 34.86 -11.67
N ALA A 137 10.11 33.55 -11.63
CA ALA A 137 10.89 32.85 -12.65
C ALA A 137 10.25 33.01 -14.02
N VAL A 138 8.92 32.90 -14.08
CA VAL A 138 8.24 33.04 -15.35
C VAL A 138 8.44 34.44 -15.94
N ASP A 139 8.36 35.46 -15.09
CA ASP A 139 8.53 36.83 -15.56
C ASP A 139 9.99 37.14 -15.91
N ALA A 140 10.93 36.51 -15.21
CA ALA A 140 12.35 36.73 -15.50
C ALA A 140 12.64 36.10 -16.86
N ALA A 141 12.05 34.94 -17.10
CA ALA A 141 12.22 34.23 -18.36
C ALA A 141 11.67 35.08 -19.50
N LYS A 142 10.48 35.63 -19.32
CA LYS A 142 9.87 36.47 -20.35
C LYS A 142 10.74 37.67 -20.67
N ALA A 143 11.26 38.32 -19.62
CA ALA A 143 12.11 39.49 -19.78
C ALA A 143 13.38 39.18 -20.57
N LEU A 144 13.82 37.93 -20.51
CA LEU A 144 15.03 37.52 -21.21
C LEU A 144 14.72 36.87 -22.55
N GLY A 145 13.46 36.99 -22.98
CA GLY A 145 13.07 36.39 -24.25
C GLY A 145 12.98 34.88 -24.21
N ILE A 146 13.32 34.30 -23.06
CA ILE A 146 13.28 32.84 -22.88
C ILE A 146 11.89 32.38 -22.46
N ASP A 147 11.25 31.56 -23.28
CA ASP A 147 9.92 31.05 -22.95
C ASP A 147 10.02 29.75 -22.13
N ALA A 148 9.24 29.68 -21.06
CA ALA A 148 9.28 28.52 -20.17
C ALA A 148 7.92 27.88 -19.94
N ARG A 149 7.92 26.59 -19.61
CA ARG A 149 6.69 25.86 -19.34
C ARG A 149 6.53 25.59 -17.85
N VAL A 150 5.33 25.79 -17.33
CA VAL A 150 5.04 25.55 -15.92
C VAL A 150 4.10 24.36 -15.77
N GLY A 151 4.44 23.43 -14.87
CA GLY A 151 3.60 22.26 -14.67
C GLY A 151 4.21 21.27 -13.69
N ASN A 152 3.87 20.00 -13.86
CA ASN A 152 4.38 18.94 -13.00
C ASN A 152 5.70 18.32 -13.43
N LEU A 153 6.46 17.88 -12.44
CA LEU A 153 7.72 17.20 -12.65
C LEU A 153 7.50 15.85 -11.96
N PHE A 154 8.39 14.90 -12.20
CA PHE A 154 8.30 13.59 -11.56
C PHE A 154 9.68 13.33 -10.98
N SER A 155 9.73 13.11 -9.67
CA SER A 155 10.98 12.83 -8.98
C SER A 155 11.12 11.33 -8.76
N ALA A 156 11.94 10.69 -9.58
CA ALA A 156 12.13 9.25 -9.48
C ALA A 156 13.20 8.84 -8.48
N ASP A 157 13.01 7.69 -7.86
CA ASP A 157 13.99 7.17 -6.90
C ASP A 157 14.98 6.33 -7.70
N LEU A 158 14.52 5.77 -8.81
CA LEU A 158 15.37 4.93 -9.65
C LEU A 158 15.53 5.44 -11.08
N PHE A 159 16.73 5.91 -11.42
CA PHE A 159 17.04 6.41 -12.75
C PHE A 159 16.81 5.26 -13.72
N TYR A 160 17.18 4.05 -13.29
CA TYR A 160 17.00 2.83 -14.09
C TYR A 160 15.84 2.05 -13.49
N SER A 161 14.62 2.55 -13.71
CA SER A 161 13.41 1.92 -13.19
C SER A 161 13.08 0.61 -13.89
N PRO A 162 12.71 -0.42 -13.12
CA PRO A 162 12.34 -1.76 -13.62
C PRO A 162 11.05 -1.71 -14.45
N ASP A 163 10.29 -0.63 -14.30
CA ASP A 163 9.03 -0.47 -15.01
C ASP A 163 9.17 0.59 -16.11
N GLY A 164 8.85 0.20 -17.33
CA GLY A 164 8.95 1.13 -18.45
C GLY A 164 7.58 1.67 -18.83
N GLU A 165 6.54 1.07 -18.26
CA GLU A 165 5.15 1.46 -18.52
C GLU A 165 4.75 2.74 -17.78
N MET A 166 5.51 3.10 -16.75
CA MET A 166 5.22 4.30 -15.97
C MET A 166 5.40 5.55 -16.80
N PHE A 167 6.31 5.52 -17.78
CA PHE A 167 6.54 6.69 -18.62
C PHE A 167 5.31 7.01 -19.47
N ASP A 168 4.52 5.98 -19.77
CA ASP A 168 3.29 6.19 -20.55
C ASP A 168 2.32 6.92 -19.64
N VAL A 169 2.21 6.44 -18.41
CA VAL A 169 1.32 7.03 -17.42
C VAL A 169 1.71 8.50 -17.18
N MET A 170 3.01 8.78 -17.15
CA MET A 170 3.48 10.14 -16.95
C MET A 170 3.04 11.06 -18.09
N GLU A 171 3.26 10.60 -19.32
CA GLU A 171 2.88 11.38 -20.49
C GLU A 171 1.39 11.68 -20.48
N LYS A 172 0.59 10.67 -20.16
CA LYS A 172 -0.86 10.82 -20.12
C LYS A 172 -1.33 11.88 -19.13
N TYR A 173 -0.58 12.07 -18.04
CA TYR A 173 -0.97 13.05 -17.04
C TYR A 173 -0.23 14.38 -17.12
N GLY A 174 0.39 14.62 -18.28
CA GLY A 174 1.07 15.88 -18.52
C GLY A 174 2.39 16.21 -17.86
N ILE A 175 3.07 15.22 -17.29
CA ILE A 175 4.36 15.47 -16.65
C ILE A 175 5.31 16.08 -17.66
N LEU A 176 5.92 17.20 -17.31
CA LEU A 176 6.84 17.91 -18.20
C LEU A 176 8.27 17.41 -18.19
N GLY A 177 8.73 16.92 -17.04
CA GLY A 177 10.11 16.44 -16.96
C GLY A 177 10.37 15.46 -15.84
N VAL A 178 11.40 14.64 -16.02
CA VAL A 178 11.76 13.65 -15.03
C VAL A 178 13.15 13.95 -14.45
N GLU A 179 13.21 14.04 -13.13
CA GLU A 179 14.45 14.28 -12.43
C GLU A 179 14.40 13.50 -11.13
N MET A 180 15.21 13.87 -10.14
CA MET A 180 15.22 13.10 -8.90
C MET A 180 15.29 13.88 -7.58
N GLU A 181 14.79 15.12 -7.52
CA GLU A 181 14.90 15.85 -6.27
C GLU A 181 13.73 16.73 -5.83
N ALA A 182 13.07 17.38 -6.78
CA ALA A 182 11.96 18.28 -6.49
C ALA A 182 10.98 17.89 -5.38
N ALA A 183 10.36 16.71 -5.49
CA ALA A 183 9.39 16.28 -4.48
C ALA A 183 10.00 16.22 -3.10
N GLY A 184 11.29 15.88 -3.04
CA GLY A 184 11.98 15.78 -1.77
C GLY A 184 12.24 17.16 -1.17
N ILE A 185 12.73 18.07 -2.01
CA ILE A 185 13.02 19.43 -1.58
C ILE A 185 11.73 20.14 -1.16
N TYR A 186 10.65 19.91 -1.90
CA TYR A 186 9.37 20.55 -1.58
C TYR A 186 8.83 20.05 -0.24
N GLY A 187 9.12 18.79 0.08
CA GLY A 187 8.67 18.23 1.34
C GLY A 187 9.39 18.89 2.50
N VAL A 188 10.71 19.01 2.37
CA VAL A 188 11.55 19.64 3.41
C VAL A 188 11.14 21.09 3.63
N ALA A 189 10.98 21.85 2.55
CA ALA A 189 10.56 23.24 2.65
C ALA A 189 9.27 23.35 3.46
N ALA A 190 8.31 22.48 3.17
CA ALA A 190 7.03 22.50 3.89
C ALA A 190 7.20 22.08 5.34
N GLU A 191 8.08 21.12 5.58
CA GLU A 191 8.30 20.64 6.94
C GLU A 191 8.86 21.73 7.86
N PHE A 192 9.84 22.50 7.38
CA PHE A 192 10.43 23.55 8.22
C PHE A 192 10.04 24.99 7.90
N GLY A 193 8.94 25.16 7.16
CA GLY A 193 8.45 26.50 6.84
C GLY A 193 9.24 27.41 5.92
N ALA A 194 9.92 26.85 4.92
CA ALA A 194 10.68 27.69 3.99
C ALA A 194 10.08 27.63 2.58
N LYS A 195 10.73 28.30 1.63
CA LYS A 195 10.26 28.34 0.26
C LYS A 195 11.23 27.67 -0.71
N ALA A 196 10.69 26.98 -1.70
CA ALA A 196 11.51 26.29 -2.69
C ALA A 196 10.93 26.33 -4.11
N LEU A 197 11.82 26.11 -5.07
CA LEU A 197 11.48 26.09 -6.48
C LEU A 197 12.48 25.24 -7.25
N THR A 198 12.01 24.52 -8.26
CA THR A 198 12.86 23.69 -9.07
C THR A 198 12.72 24.08 -10.53
N ILE A 199 13.86 24.43 -11.15
CA ILE A 199 13.91 24.81 -12.55
C ILE A 199 14.83 23.83 -13.27
N CYS A 200 14.38 23.30 -14.41
CA CYS A 200 15.17 22.34 -15.17
C CYS A 200 15.17 22.61 -16.67
N THR A 201 16.20 22.13 -17.34
CA THR A 201 16.30 22.26 -18.79
C THR A 201 16.27 20.84 -19.33
N VAL A 202 15.49 20.62 -20.39
CA VAL A 202 15.38 19.30 -20.98
C VAL A 202 16.69 18.89 -21.67
N SER A 203 17.42 17.99 -21.04
CA SER A 203 18.69 17.54 -21.58
C SER A 203 18.54 16.22 -22.34
N ASP A 204 17.45 15.50 -22.05
CA ASP A 204 17.19 14.23 -22.70
C ASP A 204 15.71 14.10 -23.05
N HIS A 205 15.41 13.25 -24.01
CA HIS A 205 14.02 13.03 -24.40
C HIS A 205 13.81 11.52 -24.51
N ILE A 206 13.22 10.94 -23.47
CA ILE A 206 12.96 9.52 -23.43
C ILE A 206 11.91 9.15 -24.48
N ARG A 207 12.33 9.23 -25.75
CA ARG A 207 11.48 8.92 -26.88
C ARG A 207 12.36 8.58 -28.07
N THR A 208 12.84 9.62 -28.76
CA THR A 208 13.72 9.45 -29.91
C THR A 208 14.99 10.27 -29.67
N HIS A 209 16.10 9.57 -29.45
CA HIS A 209 17.38 10.23 -29.20
C HIS A 209 17.66 11.36 -30.18
N GLU A 210 17.87 12.56 -29.65
CA GLU A 210 18.15 13.74 -30.47
C GLU A 210 19.64 14.09 -30.32
N GLN A 211 20.05 15.25 -30.80
CA GLN A 211 21.44 15.67 -30.70
C GLN A 211 21.62 17.17 -30.50
N THR A 212 22.57 17.53 -29.66
CA THR A 212 22.88 18.93 -29.35
C THR A 212 24.39 19.06 -29.09
N THR A 213 24.99 20.13 -29.59
CA THR A 213 26.42 20.35 -29.39
C THR A 213 26.71 20.75 -27.95
N ALA A 214 27.97 20.71 -27.56
CA ALA A 214 28.37 21.07 -26.21
C ALA A 214 28.19 22.57 -25.98
N ALA A 215 28.34 23.34 -27.06
CA ALA A 215 28.19 24.79 -26.99
C ALA A 215 26.74 25.16 -26.71
N GLU A 216 25.81 24.49 -27.40
CA GLU A 216 24.39 24.74 -27.22
C GLU A 216 23.99 24.50 -25.76
N ARG A 217 24.54 23.43 -25.19
CA ARG A 217 24.25 23.07 -23.82
C ARG A 217 24.70 24.14 -22.83
N GLN A 218 25.93 24.63 -23.00
CA GLN A 218 26.46 25.64 -22.11
C GLN A 218 25.60 26.90 -22.17
N THR A 219 25.16 27.24 -23.39
CA THR A 219 24.33 28.42 -23.60
C THR A 219 23.00 28.28 -22.87
N THR A 220 22.42 27.09 -22.93
CA THR A 220 21.15 26.83 -22.26
C THR A 220 21.31 26.83 -20.75
N PHE A 221 22.43 26.31 -20.26
CA PHE A 221 22.67 26.28 -18.83
C PHE A 221 22.78 27.71 -18.28
N ASN A 222 23.43 28.59 -19.02
CA ASN A 222 23.57 29.97 -18.56
C ASN A 222 22.22 30.68 -18.55
N ASP A 223 21.36 30.34 -19.49
CA ASP A 223 20.02 30.94 -19.54
C ASP A 223 19.26 30.58 -18.26
N MET A 224 19.35 29.31 -17.87
CA MET A 224 18.67 28.86 -16.67
C MET A 224 19.16 29.59 -15.42
N ILE A 225 20.48 29.78 -15.32
CA ILE A 225 21.04 30.49 -14.17
C ILE A 225 20.57 31.95 -14.15
N LYS A 226 20.58 32.60 -15.31
CA LYS A 226 20.13 33.98 -15.41
C LYS A 226 18.70 34.07 -14.89
N ILE A 227 17.84 33.17 -15.37
CA ILE A 227 16.44 33.15 -14.94
C ILE A 227 16.35 33.07 -13.41
N ALA A 228 17.06 32.10 -12.84
CA ALA A 228 17.05 31.91 -11.39
C ALA A 228 17.46 33.17 -10.65
N LEU A 229 18.58 33.76 -11.07
CA LEU A 229 19.10 34.96 -10.43
C LEU A 229 18.20 36.18 -10.58
N GLU A 230 17.69 36.42 -11.78
CA GLU A 230 16.80 37.56 -12.00
C GLU A 230 15.47 37.38 -11.26
N SER A 231 15.00 36.14 -11.14
CA SER A 231 13.74 35.89 -10.45
C SER A 231 13.88 36.23 -8.96
N VAL A 232 15.08 36.10 -8.42
CA VAL A 232 15.30 36.43 -7.01
C VAL A 232 15.17 37.95 -6.84
N LEU A 233 15.74 38.71 -7.78
CA LEU A 233 15.65 40.17 -7.71
C LEU A 233 14.20 40.64 -7.85
N LEU A 234 13.42 39.93 -8.66
CA LEU A 234 12.02 40.28 -8.84
C LEU A 234 11.23 40.02 -7.57
N GLY A 235 11.54 38.90 -6.90
CA GLY A 235 10.85 38.57 -5.67
C GLY A 235 11.13 39.57 -4.58
N ASP A 236 12.29 40.22 -4.65
CA ASP A 236 12.68 41.21 -3.65
C ASP A 236 11.85 42.48 -3.80
N LYS A 237 11.36 42.71 -5.02
CA LYS A 237 10.53 43.90 -5.28
C LYS A 237 9.20 43.77 -4.56
N ALA B 1 2.78 -25.62 30.87
CA ALA B 1 2.05 -25.82 29.62
C ALA B 1 1.61 -24.49 29.02
N THR B 2 1.51 -24.45 27.70
CA THR B 2 1.08 -23.25 26.99
C THR B 2 -0.19 -23.60 26.24
N PRO B 3 -0.89 -22.61 25.68
CA PRO B 3 -2.14 -22.87 24.95
C PRO B 3 -2.09 -24.00 23.93
N HIS B 4 -0.96 -24.20 23.26
CA HIS B 4 -0.87 -25.25 22.25
C HIS B 4 0.14 -26.35 22.53
N ILE B 5 0.81 -26.29 23.68
CA ILE B 5 1.81 -27.31 24.02
C ILE B 5 1.63 -27.83 25.46
N ASN B 6 1.35 -29.11 25.59
CA ASN B 6 1.16 -29.71 26.91
C ASN B 6 2.42 -30.37 27.45
N ALA B 7 3.36 -29.54 27.91
CA ALA B 7 4.61 -30.02 28.46
C ALA B 7 5.07 -29.08 29.58
N GLU B 8 6.19 -29.41 30.20
CA GLU B 8 6.72 -28.60 31.30
C GLU B 8 8.17 -28.22 31.01
N MET B 9 8.63 -27.13 31.61
CA MET B 9 10.00 -26.65 31.41
C MET B 9 10.98 -27.80 31.61
N GLY B 10 11.79 -28.06 30.59
CA GLY B 10 12.77 -29.13 30.67
C GLY B 10 12.48 -30.25 29.69
N ASP B 11 11.22 -30.40 29.31
CA ASP B 11 10.85 -31.46 28.38
C ASP B 11 11.47 -31.27 27.00
N PHE B 12 11.81 -30.02 26.67
CA PHE B 12 12.45 -29.69 25.42
C PHE B 12 13.91 -29.30 25.62
N ALA B 13 14.73 -29.55 24.61
CA ALA B 13 16.14 -29.19 24.65
C ALA B 13 16.24 -27.72 24.21
N ASP B 14 17.40 -27.10 24.40
CA ASP B 14 17.55 -25.71 24.01
C ASP B 14 17.66 -25.55 22.49
N VAL B 15 17.55 -26.67 21.78
CA VAL B 15 17.62 -26.68 20.32
C VAL B 15 16.50 -27.57 19.80
N VAL B 16 15.68 -27.03 18.91
CA VAL B 16 14.58 -27.81 18.36
C VAL B 16 14.56 -27.78 16.84
N LEU B 17 14.46 -28.94 16.23
CA LEU B 17 14.39 -29.06 14.77
C LEU B 17 12.89 -29.12 14.47
N MET B 18 12.45 -28.41 13.45
CA MET B 18 11.03 -28.41 13.16
C MET B 18 10.62 -28.64 11.71
N PRO B 19 10.06 -29.82 11.43
CA PRO B 19 9.59 -30.13 10.07
C PRO B 19 8.14 -29.67 10.04
N GLY B 20 7.56 -29.50 8.86
CA GLY B 20 6.18 -29.07 8.78
C GLY B 20 5.19 -30.14 9.21
N ASP B 21 5.46 -31.39 8.84
CA ASP B 21 4.59 -32.52 9.16
C ASP B 21 4.95 -33.24 10.47
N PRO B 22 3.99 -33.31 11.40
CA PRO B 22 4.23 -33.98 12.69
C PRO B 22 4.60 -35.46 12.53
N LEU B 23 4.15 -36.08 11.44
CA LEU B 23 4.49 -37.47 11.21
C LEU B 23 5.96 -37.54 10.82
N ARG B 24 6.43 -36.45 10.21
CA ARG B 24 7.83 -36.36 9.80
C ARG B 24 8.69 -36.22 11.06
N ALA B 25 8.11 -35.64 12.11
CA ALA B 25 8.83 -35.45 13.36
C ALA B 25 9.07 -36.80 14.03
N LYS B 26 8.06 -37.67 14.02
CA LYS B 26 8.21 -38.99 14.62
C LYS B 26 9.30 -39.72 13.83
N TYR B 27 9.29 -39.53 12.52
CA TYR B 27 10.28 -40.16 11.64
C TYR B 27 11.71 -39.76 12.01
N ILE B 28 11.90 -38.49 12.35
CA ILE B 28 13.21 -37.98 12.73
C ILE B 28 13.67 -38.57 14.07
N ALA B 29 12.78 -38.56 15.05
CA ALA B 29 13.08 -39.07 16.37
C ALA B 29 13.54 -40.53 16.32
N GLU B 30 12.73 -41.38 15.69
CA GLU B 30 13.05 -42.79 15.58
C GLU B 30 14.24 -43.11 14.68
N THR B 31 14.53 -42.25 13.72
CA THR B 31 15.66 -42.50 12.82
C THR B 31 17.02 -41.98 13.30
N PHE B 32 17.06 -40.81 13.94
CA PHE B 32 18.34 -40.24 14.38
C PHE B 32 18.57 -40.03 15.88
N LEU B 33 17.51 -40.01 16.67
CA LEU B 33 17.65 -39.79 18.11
C LEU B 33 17.68 -41.08 18.93
N GLU B 34 18.36 -41.03 20.06
CA GLU B 34 18.47 -42.18 20.97
C GLU B 34 17.65 -41.86 22.23
N ASP B 35 16.96 -42.86 22.76
CA ASP B 35 16.15 -42.68 23.95
C ASP B 35 15.09 -41.61 23.76
N ALA B 36 14.46 -41.60 22.58
CA ALA B 36 13.43 -40.61 22.28
C ALA B 36 12.15 -40.83 23.06
N ARG B 37 11.54 -39.73 23.49
CA ARG B 37 10.29 -39.77 24.23
C ARG B 37 9.35 -38.66 23.76
N GLU B 38 8.09 -39.01 23.53
CA GLU B 38 7.09 -38.03 23.08
C GLU B 38 6.82 -37.04 24.22
N VAL B 39 6.91 -35.74 23.92
CA VAL B 39 6.68 -34.71 24.92
C VAL B 39 5.46 -33.84 24.64
N ASN B 40 4.82 -34.04 23.49
CA ASN B 40 3.62 -33.28 23.16
C ASN B 40 2.76 -33.97 22.11
N ASN B 41 1.45 -33.86 22.27
CA ASN B 41 0.49 -34.45 21.34
C ASN B 41 -0.73 -33.54 21.11
N VAL B 42 -0.71 -32.35 21.69
CA VAL B 42 -1.82 -31.42 21.53
C VAL B 42 -2.11 -31.15 20.05
N ARG B 43 -3.38 -31.30 19.68
CA ARG B 43 -3.83 -31.09 18.30
C ARG B 43 -3.12 -32.03 17.32
N GLY B 44 -2.42 -33.02 17.87
CA GLY B 44 -1.71 -33.98 17.04
C GLY B 44 -0.34 -33.50 16.58
N MET B 45 0.13 -32.39 17.13
CA MET B 45 1.43 -31.85 16.74
C MET B 45 2.55 -32.46 17.59
N LEU B 46 2.87 -33.72 17.28
CA LEU B 46 3.88 -34.51 17.96
C LEU B 46 5.25 -33.87 18.14
N GLY B 47 5.75 -33.92 19.38
CA GLY B 47 7.05 -33.36 19.71
C GLY B 47 7.85 -34.40 20.46
N PHE B 48 9.15 -34.50 20.16
CA PHE B 48 10.00 -35.51 20.81
C PHE B 48 11.32 -34.97 21.33
N THR B 49 11.88 -35.66 22.32
CA THR B 49 13.16 -35.27 22.90
C THR B 49 14.03 -36.51 23.13
N GLY B 50 15.28 -36.44 22.69
CA GLY B 50 16.20 -37.54 22.84
C GLY B 50 17.62 -37.03 22.75
N THR B 51 18.57 -37.86 22.31
CA THR B 51 19.94 -37.40 22.18
C THR B 51 20.56 -37.88 20.88
N TYR B 52 21.47 -37.06 20.35
CA TYR B 52 22.19 -37.37 19.13
C TYR B 52 23.67 -37.27 19.50
N LYS B 53 24.37 -38.40 19.44
CA LYS B 53 25.78 -38.46 19.79
C LYS B 53 26.02 -37.79 21.14
N GLY B 54 25.14 -38.07 22.09
CA GLY B 54 25.29 -37.51 23.43
C GLY B 54 24.67 -36.15 23.69
N ARG B 55 24.29 -35.42 22.64
CA ARG B 55 23.69 -34.11 22.83
C ARG B 55 22.18 -34.19 22.87
N LYS B 56 21.59 -33.49 23.85
CA LYS B 56 20.14 -33.45 24.01
C LYS B 56 19.56 -32.67 22.84
N ILE B 57 18.62 -33.28 22.12
CA ILE B 57 18.00 -32.63 20.97
C ILE B 57 16.50 -32.86 20.96
N SER B 58 15.76 -31.91 20.42
CA SER B 58 14.31 -32.01 20.30
C SER B 58 13.89 -31.81 18.85
N VAL B 59 12.77 -32.42 18.47
CA VAL B 59 12.24 -32.29 17.12
C VAL B 59 10.72 -32.25 17.25
N MET B 60 10.08 -31.32 16.55
CA MET B 60 8.63 -31.16 16.62
C MET B 60 8.06 -30.45 15.39
N GLY B 61 6.88 -30.90 14.94
CA GLY B 61 6.24 -30.28 13.79
C GLY B 61 5.71 -28.88 14.09
N HIS B 62 5.49 -28.08 13.06
CA HIS B 62 4.98 -26.72 13.26
C HIS B 62 3.78 -26.36 12.39
N GLY B 63 3.24 -27.34 11.68
CA GLY B 63 2.09 -27.09 10.83
C GLY B 63 2.45 -26.31 9.57
N MET B 64 1.47 -26.09 8.71
CA MET B 64 1.70 -25.35 7.47
C MET B 64 1.32 -23.87 7.57
N GLY B 65 2.24 -23.01 7.16
CA GLY B 65 1.95 -21.57 7.19
C GLY B 65 2.63 -20.77 8.28
N ILE B 66 2.79 -19.48 8.02
CA ILE B 66 3.41 -18.55 8.96
C ILE B 66 2.62 -18.43 10.27
N PRO B 67 1.29 -18.32 10.19
CA PRO B 67 0.47 -18.21 11.40
C PRO B 67 0.62 -19.40 12.35
N SER B 68 0.77 -20.59 11.76
CA SER B 68 0.92 -21.82 12.53
C SER B 68 2.29 -21.93 13.19
N CYS B 69 3.36 -21.86 12.39
CA CYS B 69 4.71 -21.96 12.95
C CYS B 69 5.04 -20.81 13.91
N SER B 70 4.40 -19.66 13.73
CA SER B 70 4.66 -18.52 14.60
C SER B 70 4.25 -18.81 16.04
N ILE B 71 3.14 -19.51 16.20
CA ILE B 71 2.65 -19.87 17.52
C ILE B 71 3.60 -20.81 18.25
N TYR B 72 3.91 -21.94 17.62
CA TYR B 72 4.79 -22.93 18.22
C TYR B 72 6.19 -22.43 18.57
N THR B 73 6.82 -21.71 17.63
CA THR B 73 8.17 -21.21 17.90
C THR B 73 8.16 -20.17 19.02
N LYS B 74 7.09 -19.38 19.08
CA LYS B 74 6.96 -18.35 20.10
C LYS B 74 6.86 -18.99 21.49
N GLU B 75 5.99 -19.99 21.61
CA GLU B 75 5.80 -20.69 22.87
C GLU B 75 7.04 -21.44 23.33
N LEU B 76 7.80 -21.97 22.37
CA LEU B 76 9.03 -22.70 22.71
C LEU B 76 10.08 -21.77 23.28
N ILE B 77 10.25 -20.62 22.62
CA ILE B 77 11.25 -19.63 23.04
C ILE B 77 10.96 -18.95 24.37
N THR B 78 9.74 -18.45 24.57
CA THR B 78 9.38 -17.75 25.81
C THR B 78 8.96 -18.60 27.00
N ASP B 79 8.52 -19.84 26.77
CA ASP B 79 8.08 -20.68 27.87
C ASP B 79 8.89 -21.97 28.09
N PHE B 80 9.72 -22.35 27.12
CA PHE B 80 10.51 -23.57 27.27
C PHE B 80 12.01 -23.40 27.17
N GLY B 81 12.47 -22.15 27.30
CA GLY B 81 13.89 -21.87 27.24
C GLY B 81 14.64 -22.23 25.97
N VAL B 82 13.92 -22.46 24.87
CA VAL B 82 14.56 -22.81 23.61
C VAL B 82 15.32 -21.60 23.07
N LYS B 83 16.56 -21.83 22.63
CA LYS B 83 17.39 -20.76 22.10
C LYS B 83 17.59 -20.87 20.59
N LYS B 84 17.48 -22.08 20.06
CA LYS B 84 17.64 -22.31 18.63
C LYS B 84 16.53 -23.16 18.01
N ILE B 85 16.11 -22.75 16.82
CA ILE B 85 15.10 -23.47 16.07
C ILE B 85 15.65 -23.67 14.67
N ILE B 86 15.53 -24.89 14.17
CA ILE B 86 16.00 -25.18 12.83
C ILE B 86 14.90 -25.87 12.04
N ARG B 87 14.29 -25.13 11.13
CA ARG B 87 13.25 -25.70 10.29
C ARG B 87 13.93 -26.57 9.24
N VAL B 88 13.37 -27.77 9.01
CA VAL B 88 13.89 -28.69 8.00
C VAL B 88 12.69 -29.13 7.17
N GLY B 89 12.57 -28.60 5.95
CA GLY B 89 11.45 -28.96 5.13
C GLY B 89 11.77 -29.13 3.65
N SER B 90 10.77 -28.90 2.81
CA SER B 90 10.92 -29.01 1.37
C SER B 90 10.49 -27.70 0.71
N CYS B 91 10.96 -27.44 -0.49
CA CYS B 91 10.61 -26.21 -1.18
C CYS B 91 10.47 -26.40 -2.68
N GLY B 92 9.77 -25.49 -3.33
CA GLY B 92 9.59 -25.56 -4.77
C GLY B 92 10.69 -24.79 -5.47
N ALA B 93 11.24 -25.37 -6.53
CA ALA B 93 12.33 -24.74 -7.28
C ALA B 93 11.86 -23.59 -8.16
N VAL B 94 12.74 -22.61 -8.34
CA VAL B 94 12.42 -21.45 -9.16
C VAL B 94 13.49 -21.23 -10.23
N LEU B 95 14.76 -21.35 -9.85
CA LEU B 95 15.87 -21.14 -10.77
C LEU B 95 16.22 -22.40 -11.57
N PRO B 96 16.41 -22.25 -12.88
CA PRO B 96 16.75 -23.36 -13.79
C PRO B 96 17.93 -24.19 -13.32
N HIS B 97 18.98 -23.53 -12.83
CA HIS B 97 20.17 -24.22 -12.37
C HIS B 97 20.03 -24.91 -11.01
N VAL B 98 18.89 -24.71 -10.34
CA VAL B 98 18.65 -25.33 -9.04
C VAL B 98 18.00 -26.68 -9.30
N LYS B 99 18.78 -27.75 -9.21
CA LYS B 99 18.30 -29.10 -9.47
C LYS B 99 17.67 -29.76 -8.25
N LEU B 100 17.01 -30.88 -8.48
CA LEU B 100 16.37 -31.64 -7.41
C LEU B 100 17.46 -32.23 -6.52
N ARG B 101 17.12 -32.45 -5.26
CA ARG B 101 18.06 -33.02 -4.29
C ARG B 101 19.21 -32.06 -3.95
N ASP B 102 18.95 -30.76 -4.08
CA ASP B 102 19.95 -29.74 -3.74
C ASP B 102 19.55 -29.26 -2.35
N VAL B 103 20.52 -29.12 -1.46
CA VAL B 103 20.22 -28.62 -0.13
C VAL B 103 20.31 -27.10 -0.17
N VAL B 104 19.20 -26.44 0.19
CA VAL B 104 19.14 -24.99 0.18
C VAL B 104 19.09 -24.43 1.60
N ILE B 105 19.93 -23.44 1.88
CA ILE B 105 19.98 -22.79 3.19
C ILE B 105 19.48 -21.36 3.04
N GLY B 106 18.45 -21.01 3.82
CA GLY B 106 17.88 -19.68 3.74
C GLY B 106 18.51 -18.60 4.61
N MET B 107 19.52 -17.93 4.09
CA MET B 107 20.18 -16.85 4.82
C MET B 107 19.16 -15.72 5.02
N GLY B 108 18.26 -15.58 4.05
CA GLY B 108 17.23 -14.56 4.14
C GLY B 108 15.92 -15.12 3.61
N ALA B 109 14.81 -14.43 3.88
CA ALA B 109 13.52 -14.91 3.39
C ALA B 109 12.53 -13.81 3.02
N CYS B 110 12.21 -13.73 1.73
CA CYS B 110 11.24 -12.76 1.24
C CYS B 110 9.87 -13.32 1.62
N THR B 111 8.84 -12.48 1.60
CA THR B 111 7.51 -12.98 1.93
C THR B 111 6.36 -12.19 1.33
N ASP B 112 5.21 -12.87 1.34
CA ASP B 112 3.93 -12.42 0.81
C ASP B 112 3.06 -11.89 1.95
N SER B 113 3.39 -12.32 3.16
CA SER B 113 2.66 -11.97 4.37
C SER B 113 2.91 -10.52 4.81
N LYS B 114 2.05 -10.03 5.69
CA LYS B 114 2.23 -8.69 6.22
C LYS B 114 2.55 -8.74 7.71
N VAL B 115 2.87 -9.93 8.23
CA VAL B 115 3.17 -10.05 9.66
C VAL B 115 4.37 -9.19 10.06
N ASN B 116 5.41 -9.19 9.25
CA ASN B 116 6.58 -8.39 9.57
C ASN B 116 6.35 -6.89 9.43
N ARG B 117 5.42 -6.49 8.56
CA ARG B 117 5.11 -5.07 8.40
C ARG B 117 4.35 -4.57 9.61
N ILE B 118 3.52 -5.44 10.20
CA ILE B 118 2.76 -5.11 11.40
C ILE B 118 3.80 -4.83 12.48
N ARG B 119 4.85 -5.64 12.50
CA ARG B 119 5.94 -5.53 13.46
C ARG B 119 6.86 -4.33 13.24
N PHE B 120 7.21 -4.07 11.97
CA PHE B 120 8.15 -3.00 11.62
C PHE B 120 7.57 -1.68 11.11
N LYS B 121 6.47 -1.24 11.71
CA LYS B 121 5.84 0.03 11.33
C LYS B 121 5.56 0.18 9.84
N ASP B 122 5.13 -0.90 9.20
CA ASP B 122 4.80 -0.89 7.78
C ASP B 122 6.00 -0.64 6.87
N HIS B 123 7.20 -0.88 7.38
CA HIS B 123 8.41 -0.69 6.58
C HIS B 123 8.95 -2.05 6.16
N ASP B 124 10.13 -2.06 5.51
CA ASP B 124 10.74 -3.32 5.08
C ASP B 124 11.68 -3.91 6.13
N PHE B 125 11.29 -5.04 6.71
CA PHE B 125 12.14 -5.72 7.69
C PHE B 125 12.74 -6.91 6.97
N ALA B 126 14.07 -6.98 6.93
CA ALA B 126 14.76 -8.08 6.25
C ALA B 126 14.87 -9.32 7.13
N ALA B 127 13.91 -10.22 6.98
CA ALA B 127 13.89 -11.47 7.76
C ALA B 127 15.13 -12.32 7.44
N ILE B 128 16.03 -12.42 8.40
CA ILE B 128 17.26 -13.19 8.21
C ILE B 128 17.55 -14.23 9.31
N ALA B 129 18.31 -15.25 8.92
CA ALA B 129 18.70 -16.32 9.83
C ALA B 129 19.86 -15.85 10.71
N ASP B 130 20.24 -16.66 11.69
CA ASP B 130 21.37 -16.30 12.55
C ASP B 130 22.63 -16.67 11.77
N PHE B 131 23.58 -15.75 11.68
CA PHE B 131 24.80 -16.00 10.94
C PHE B 131 25.63 -17.23 11.35
N ASP B 132 25.86 -17.42 12.65
CA ASP B 132 26.65 -18.56 13.09
C ASP B 132 25.98 -19.89 12.72
N MET B 133 24.66 -19.93 12.82
CA MET B 133 23.92 -21.15 12.48
C MET B 133 24.07 -21.45 11.00
N VAL B 134 24.06 -20.41 10.17
CA VAL B 134 24.22 -20.58 8.72
C VAL B 134 25.60 -21.17 8.42
N ARG B 135 26.63 -20.61 9.05
CA ARG B 135 28.00 -21.07 8.82
C ARG B 135 28.21 -22.51 9.30
N ASN B 136 27.63 -22.84 10.46
CA ASN B 136 27.75 -24.20 10.99
C ASN B 136 27.14 -25.17 9.98
N ALA B 137 25.99 -24.80 9.41
CA ALA B 137 25.30 -25.65 8.44
C ALA B 137 26.13 -25.84 7.16
N VAL B 138 26.83 -24.80 6.73
CA VAL B 138 27.65 -24.90 5.53
C VAL B 138 28.86 -25.81 5.78
N ASP B 139 29.47 -25.67 6.95
CA ASP B 139 30.62 -26.48 7.31
C ASP B 139 30.22 -27.95 7.52
N ALA B 140 29.08 -28.17 8.19
CA ALA B 140 28.62 -29.53 8.41
C ALA B 140 28.35 -30.22 7.07
N ALA B 141 27.78 -29.47 6.13
CA ALA B 141 27.48 -30.02 4.80
C ALA B 141 28.76 -30.40 4.06
N LYS B 142 29.78 -29.55 4.16
CA LYS B 142 31.05 -29.81 3.50
C LYS B 142 31.68 -31.10 4.05
N ALA B 143 31.69 -31.23 5.37
CA ALA B 143 32.24 -32.41 6.03
C ALA B 143 31.57 -33.69 5.52
N LEU B 144 30.32 -33.56 5.08
CA LEU B 144 29.57 -34.71 4.57
C LEU B 144 29.68 -34.80 3.05
N GLY B 145 30.46 -33.90 2.47
CA GLY B 145 30.63 -33.90 1.02
C GLY B 145 29.38 -33.50 0.26
N ILE B 146 28.57 -32.62 0.85
CA ILE B 146 27.34 -32.17 0.21
C ILE B 146 27.42 -30.70 -0.20
N ASP B 147 26.95 -30.39 -1.41
CA ASP B 147 26.96 -29.03 -1.94
C ASP B 147 25.73 -28.24 -1.51
N ALA B 148 25.92 -27.23 -0.66
CA ALA B 148 24.81 -26.43 -0.18
C ALA B 148 24.79 -25.05 -0.83
N ARG B 149 23.60 -24.56 -1.14
CA ARG B 149 23.45 -23.26 -1.75
C ARG B 149 22.83 -22.33 -0.71
N VAL B 150 23.47 -21.19 -0.48
CA VAL B 150 22.98 -20.22 0.50
C VAL B 150 22.44 -18.98 -0.20
N GLY B 151 21.23 -18.58 0.16
CA GLY B 151 20.61 -17.41 -0.44
C GLY B 151 19.22 -17.10 0.09
N ASN B 152 18.38 -16.53 -0.76
CA ASN B 152 17.01 -16.16 -0.42
C ASN B 152 15.96 -17.22 -0.68
N LEU B 153 14.97 -17.28 0.21
CA LEU B 153 13.84 -18.19 0.09
C LEU B 153 12.64 -17.25 0.02
N PHE B 154 11.50 -17.77 -0.41
CA PHE B 154 10.27 -16.99 -0.47
C PHE B 154 9.20 -17.72 0.34
N SER B 155 8.59 -17.03 1.30
CA SER B 155 7.53 -17.63 2.12
C SER B 155 6.16 -17.11 1.69
N ALA B 156 5.37 -18.00 1.09
CA ALA B 156 4.05 -17.62 0.61
C ALA B 156 2.91 -17.94 1.55
N ASP B 157 1.84 -17.15 1.46
CA ASP B 157 0.64 -17.36 2.27
C ASP B 157 -0.27 -18.31 1.50
N LEU B 158 -0.21 -18.24 0.17
CA LEU B 158 -1.05 -19.09 -0.68
C LEU B 158 -0.29 -20.12 -1.51
N PHE B 159 -0.37 -21.37 -1.09
CA PHE B 159 0.27 -22.47 -1.81
C PHE B 159 -0.35 -22.50 -3.21
N TYR B 160 -1.62 -22.11 -3.29
CA TYR B 160 -2.34 -22.05 -4.56
C TYR B 160 -2.59 -20.57 -4.84
N SER B 161 -1.53 -19.87 -5.27
CA SER B 161 -1.61 -18.45 -5.57
C SER B 161 -2.35 -18.15 -6.87
N PRO B 162 -3.14 -17.07 -6.89
CA PRO B 162 -3.90 -16.66 -8.06
C PRO B 162 -3.08 -15.94 -9.14
N ASP B 163 -1.80 -15.70 -8.86
CA ASP B 163 -0.93 -15.02 -9.83
C ASP B 163 0.36 -15.79 -10.11
N GLY B 164 0.52 -16.24 -11.35
CA GLY B 164 1.70 -16.99 -11.72
C GLY B 164 2.80 -16.09 -12.25
N GLU B 165 2.50 -14.81 -12.41
CA GLU B 165 3.46 -13.84 -12.91
C GLU B 165 4.52 -13.54 -11.84
N MET B 166 4.21 -13.90 -10.60
CA MET B 166 5.12 -13.68 -9.48
C MET B 166 6.32 -14.62 -9.53
N PHE B 167 6.16 -15.76 -10.19
CA PHE B 167 7.25 -16.73 -10.28
C PHE B 167 8.40 -16.23 -11.14
N ASP B 168 8.09 -15.42 -12.16
CA ASP B 168 9.15 -14.86 -13.00
C ASP B 168 9.94 -13.86 -12.16
N VAL B 169 9.24 -13.08 -11.34
CA VAL B 169 9.86 -12.09 -10.48
C VAL B 169 10.83 -12.75 -9.49
N MET B 170 10.38 -13.84 -8.86
CA MET B 170 11.22 -14.56 -7.91
C MET B 170 12.48 -15.06 -8.61
N GLU B 171 12.31 -15.52 -9.84
CA GLU B 171 13.43 -16.04 -10.62
C GLU B 171 14.39 -14.90 -10.98
N LYS B 172 13.85 -13.77 -11.42
CA LYS B 172 14.68 -12.63 -11.79
C LYS B 172 15.57 -12.15 -10.64
N TYR B 173 15.04 -12.19 -9.42
CA TYR B 173 15.79 -11.73 -8.25
C TYR B 173 16.56 -12.81 -7.48
N GLY B 174 16.66 -13.98 -8.08
CA GLY B 174 17.41 -15.08 -7.48
C GLY B 174 16.88 -15.91 -6.34
N ILE B 175 15.56 -15.94 -6.12
CA ILE B 175 15.03 -16.76 -5.03
C ILE B 175 15.38 -18.23 -5.33
N LEU B 176 15.99 -18.89 -4.35
CA LEU B 176 16.41 -20.29 -4.49
C LEU B 176 15.29 -21.30 -4.28
N GLY B 177 14.32 -20.95 -3.44
CA GLY B 177 13.24 -21.87 -3.17
C GLY B 177 11.98 -21.21 -2.64
N VAL B 178 10.87 -21.90 -2.82
CA VAL B 178 9.59 -21.40 -2.36
C VAL B 178 8.98 -22.31 -1.31
N GLU B 179 8.74 -21.76 -0.12
CA GLU B 179 8.11 -22.53 0.94
C GLU B 179 7.08 -21.67 1.67
N MET B 180 6.76 -21.97 2.93
CA MET B 180 5.72 -21.19 3.60
C MET B 180 5.94 -20.83 5.09
N GLU B 181 7.19 -20.76 5.55
CA GLU B 181 7.38 -20.47 6.97
C GLU B 181 8.59 -19.64 7.38
N ALA B 182 9.67 -19.75 6.62
CA ALA B 182 10.91 -19.06 6.91
C ALA B 182 10.78 -17.61 7.36
N ALA B 183 10.07 -16.81 6.58
CA ALA B 183 9.91 -15.40 6.91
C ALA B 183 9.26 -15.17 8.26
N GLY B 184 8.30 -16.03 8.60
CA GLY B 184 7.60 -15.90 9.87
C GLY B 184 8.45 -16.34 11.06
N ILE B 185 9.20 -17.42 10.87
CA ILE B 185 10.06 -17.94 11.93
C ILE B 185 11.18 -16.95 12.24
N TYR B 186 11.66 -16.24 11.23
CA TYR B 186 12.72 -15.26 11.44
C TYR B 186 12.17 -14.02 12.15
N GLY B 187 10.92 -13.67 11.87
CA GLY B 187 10.32 -12.52 12.52
C GLY B 187 10.16 -12.78 14.02
N VAL B 188 9.73 -13.99 14.36
CA VAL B 188 9.55 -14.39 15.76
C VAL B 188 10.88 -14.40 16.50
N ALA B 189 11.90 -14.99 15.89
CA ALA B 189 13.24 -15.06 16.49
C ALA B 189 13.75 -13.66 16.85
N ALA B 190 13.59 -12.72 15.94
CA ALA B 190 14.04 -11.35 16.19
C ALA B 190 13.16 -10.65 17.22
N GLU B 191 11.86 -10.93 17.18
CA GLU B 191 10.95 -10.29 18.13
C GLU B 191 11.20 -10.75 19.57
N PHE B 192 11.50 -12.03 19.77
CA PHE B 192 11.72 -12.53 21.12
C PHE B 192 13.16 -12.86 21.51
N GLY B 193 14.11 -12.38 20.70
CA GLY B 193 15.52 -12.59 21.00
C GLY B 193 16.14 -13.97 20.88
N ALA B 194 15.65 -14.82 19.98
CA ALA B 194 16.23 -16.16 19.82
C ALA B 194 16.96 -16.26 18.49
N LYS B 195 17.38 -17.46 18.11
CA LYS B 195 18.06 -17.68 16.84
C LYS B 195 17.39 -18.75 16.02
N ALA B 196 17.34 -18.56 14.70
CA ALA B 196 16.68 -19.52 13.83
C ALA B 196 17.37 -19.71 12.48
N LEU B 197 17.08 -20.85 11.84
CA LEU B 197 17.62 -21.19 10.53
C LEU B 197 16.67 -22.13 9.79
N THR B 198 16.57 -21.97 8.47
CA THR B 198 15.71 -22.81 7.66
C THR B 198 16.54 -23.52 6.58
N ILE B 199 16.45 -24.85 6.56
CA ILE B 199 17.17 -25.68 5.58
C ILE B 199 16.10 -26.41 4.76
N CYS B 200 16.26 -26.45 3.43
CA CYS B 200 15.30 -27.12 2.56
C CYS B 200 15.92 -27.97 1.47
N THR B 201 15.19 -28.99 1.04
CA THR B 201 15.61 -29.84 -0.07
C THR B 201 14.56 -29.53 -1.14
N VAL B 202 14.96 -29.48 -2.40
CA VAL B 202 14.01 -29.19 -3.48
C VAL B 202 13.21 -30.44 -3.84
N SER B 203 11.91 -30.41 -3.57
CA SER B 203 11.03 -31.54 -3.85
C SER B 203 10.30 -31.44 -5.18
N ASP B 204 10.23 -30.23 -5.73
CA ASP B 204 9.56 -30.03 -7.00
C ASP B 204 10.22 -28.89 -7.75
N HIS B 205 9.94 -28.79 -9.05
CA HIS B 205 10.53 -27.74 -9.88
C HIS B 205 9.42 -27.01 -10.64
N ILE B 206 9.01 -25.86 -10.10
CA ILE B 206 7.96 -25.06 -10.73
C ILE B 206 8.34 -24.65 -12.15
N ARG B 207 9.61 -24.85 -12.49
CA ARG B 207 10.13 -24.51 -13.81
C ARG B 207 9.76 -25.58 -14.83
N THR B 208 10.59 -26.62 -14.93
CA THR B 208 10.36 -27.71 -15.88
C THR B 208 9.38 -28.73 -15.32
N HIS B 209 8.85 -28.47 -14.13
CA HIS B 209 7.90 -29.36 -13.48
C HIS B 209 8.50 -30.74 -13.27
N GLU B 210 8.96 -31.00 -12.05
CA GLU B 210 9.57 -32.28 -11.71
C GLU B 210 9.25 -32.68 -10.27
N GLN B 211 8.41 -33.69 -10.10
CA GLN B 211 8.04 -34.17 -8.77
C GLN B 211 9.21 -34.95 -8.16
N THR B 212 8.91 -36.12 -7.59
CA THR B 212 9.96 -36.93 -6.98
C THR B 212 9.47 -38.30 -6.50
N THR B 213 10.17 -39.35 -6.95
CA THR B 213 9.84 -40.72 -6.57
C THR B 213 11.07 -41.63 -6.76
N ALA B 214 11.87 -41.73 -5.71
CA ALA B 214 13.08 -42.55 -5.74
C ALA B 214 13.70 -42.66 -4.36
N ALA B 215 14.51 -43.69 -4.15
CA ALA B 215 15.18 -43.88 -2.87
C ALA B 215 16.23 -42.79 -2.76
N GLU B 216 16.51 -42.15 -3.88
CA GLU B 216 17.49 -41.07 -3.93
C GLU B 216 16.96 -39.80 -3.26
N ARG B 217 15.67 -39.52 -3.43
CA ARG B 217 15.10 -38.32 -2.82
C ARG B 217 15.06 -38.50 -1.31
N GLN B 218 14.80 -39.73 -0.86
CA GLN B 218 14.74 -40.03 0.56
C GLN B 218 16.16 -40.00 1.15
N THR B 219 17.15 -40.20 0.30
CA THR B 219 18.54 -40.16 0.74
C THR B 219 18.96 -38.72 1.00
N THR B 220 18.48 -37.80 0.15
CA THR B 220 18.81 -36.39 0.28
C THR B 220 18.10 -35.73 1.46
N PHE B 221 16.89 -36.19 1.75
CA PHE B 221 16.14 -35.63 2.88
C PHE B 221 16.86 -35.98 4.17
N ASN B 222 17.47 -37.15 4.20
CA ASN B 222 18.21 -37.58 5.38
C ASN B 222 19.51 -36.82 5.50
N ASP B 223 20.13 -36.49 4.36
CA ASP B 223 21.36 -35.71 4.36
C ASP B 223 21.06 -34.36 4.99
N MET B 224 19.92 -33.77 4.63
CA MET B 224 19.54 -32.49 5.21
C MET B 224 19.42 -32.60 6.72
N ILE B 225 18.74 -33.65 7.18
CA ILE B 225 18.56 -33.86 8.62
C ILE B 225 19.91 -34.03 9.32
N LYS B 226 20.83 -34.73 8.68
CA LYS B 226 22.15 -34.94 9.27
C LYS B 226 22.93 -33.63 9.28
N ILE B 227 22.68 -32.78 8.29
CA ILE B 227 23.35 -31.49 8.22
C ILE B 227 22.91 -30.62 9.40
N ALA B 228 21.62 -30.69 9.73
CA ALA B 228 21.07 -29.90 10.84
C ALA B 228 21.58 -30.40 12.19
N LEU B 229 21.60 -31.73 12.35
CA LEU B 229 22.07 -32.32 13.60
C LEU B 229 23.55 -32.02 13.84
N GLU B 230 24.37 -32.27 12.84
CA GLU B 230 25.81 -32.02 12.96
C GLU B 230 26.14 -30.54 13.14
N SER B 231 25.37 -29.66 12.53
CA SER B 231 25.64 -28.22 12.67
C SER B 231 25.46 -27.74 14.10
N VAL B 232 24.59 -28.38 14.87
CA VAL B 232 24.39 -27.95 16.26
C VAL B 232 25.63 -28.37 17.05
N LEU B 233 26.18 -29.53 16.70
CA LEU B 233 27.38 -30.01 17.38
C LEU B 233 28.53 -29.04 17.14
N LEU B 234 28.64 -28.54 15.91
CA LEU B 234 29.71 -27.58 15.60
C LEU B 234 29.50 -26.30 16.39
N GLY B 235 28.25 -25.92 16.60
CA GLY B 235 27.94 -24.72 17.34
C GLY B 235 28.33 -24.79 18.81
N ASP B 236 28.13 -25.96 19.42
CA ASP B 236 28.46 -26.13 20.84
C ASP B 236 29.94 -25.92 21.13
N LYS B 237 30.79 -26.22 20.15
CA LYS B 237 32.23 -26.06 20.33
C LYS B 237 32.57 -24.58 20.49
N ALA C 1 -30.61 21.48 14.86
CA ALA C 1 -30.22 21.31 13.46
C ALA C 1 -28.73 21.01 13.36
N THR C 2 -28.34 20.34 12.29
CA THR C 2 -26.95 20.00 12.06
C THR C 2 -26.44 20.78 10.85
N PRO C 3 -25.12 20.80 10.64
CA PRO C 3 -24.52 21.53 9.51
C PRO C 3 -25.16 21.30 8.13
N HIS C 4 -25.71 20.12 7.89
CA HIS C 4 -26.31 19.84 6.58
C HIS C 4 -27.80 19.48 6.60
N ILE C 5 -28.45 19.62 7.75
CA ILE C 5 -29.88 19.30 7.85
C ILE C 5 -30.59 20.25 8.80
N ASN C 6 -31.43 21.13 8.24
CA ASN C 6 -32.16 22.08 9.06
C ASN C 6 -33.48 21.49 9.53
N ALA C 7 -33.43 20.79 10.66
CA ALA C 7 -34.60 20.15 11.24
C ALA C 7 -34.32 19.98 12.73
N GLU C 8 -35.28 19.41 13.45
CA GLU C 8 -35.12 19.23 14.88
C GLU C 8 -35.45 17.81 15.32
N MET C 9 -34.87 17.40 16.44
CA MET C 9 -35.11 16.07 16.99
C MET C 9 -36.62 15.84 17.02
N GLY C 10 -37.08 14.82 16.30
CA GLY C 10 -38.50 14.53 16.25
C GLY C 10 -39.08 14.61 14.85
N ASP C 11 -38.40 15.33 13.96
CA ASP C 11 -38.89 15.47 12.59
C ASP C 11 -38.68 14.23 11.73
N PHE C 12 -37.74 13.38 12.12
CA PHE C 12 -37.49 12.14 11.38
C PHE C 12 -37.96 10.93 12.17
N ALA C 13 -38.38 9.89 11.47
CA ALA C 13 -38.80 8.65 12.09
C ALA C 13 -37.51 7.95 12.51
N ASP C 14 -37.61 6.78 13.14
CA ASP C 14 -36.42 6.06 13.56
C ASP C 14 -35.85 5.23 12.42
N VAL C 15 -36.53 5.24 11.28
CA VAL C 15 -36.08 4.50 10.10
C VAL C 15 -36.14 5.47 8.93
N VAL C 16 -35.17 5.40 8.03
CA VAL C 16 -35.14 6.30 6.90
C VAL C 16 -34.75 5.62 5.59
N LEU C 17 -35.57 5.78 4.57
CA LEU C 17 -35.25 5.21 3.25
C LEU C 17 -34.50 6.32 2.54
N MET C 18 -33.39 5.97 1.89
CA MET C 18 -32.59 6.97 1.20
C MET C 18 -32.10 6.64 -0.19
N PRO C 19 -32.62 7.34 -1.20
CA PRO C 19 -32.19 7.09 -2.58
C PRO C 19 -31.06 8.09 -2.80
N GLY C 20 -30.39 8.04 -3.94
CA GLY C 20 -29.32 8.98 -4.18
C GLY C 20 -29.90 10.31 -4.65
N ASP C 21 -30.86 10.22 -5.56
CA ASP C 21 -31.51 11.38 -6.15
C ASP C 21 -32.60 11.99 -5.25
N PRO C 22 -32.46 13.28 -4.92
CA PRO C 22 -33.39 14.05 -4.09
C PRO C 22 -34.82 14.09 -4.65
N LEU C 23 -34.94 14.02 -5.97
CA LEU C 23 -36.23 14.06 -6.63
C LEU C 23 -36.94 12.72 -6.48
N ARG C 24 -36.18 11.66 -6.23
CA ARG C 24 -36.76 10.34 -6.05
C ARG C 24 -37.38 10.27 -4.65
N ALA C 25 -36.71 10.87 -3.68
CA ALA C 25 -37.21 10.89 -2.31
C ALA C 25 -38.59 11.53 -2.34
N LYS C 26 -38.70 12.65 -3.05
CA LYS C 26 -39.95 13.38 -3.19
C LYS C 26 -41.03 12.52 -3.82
N TYR C 27 -40.69 11.87 -4.94
CA TYR C 27 -41.63 11.00 -5.62
C TYR C 27 -42.12 9.90 -4.68
N ILE C 28 -41.23 9.40 -3.83
CA ILE C 28 -41.57 8.34 -2.89
C ILE C 28 -42.54 8.83 -1.82
N ALA C 29 -42.33 10.05 -1.33
CA ALA C 29 -43.21 10.60 -0.32
C ALA C 29 -44.59 10.87 -0.88
N GLU C 30 -44.66 11.13 -2.19
CA GLU C 30 -45.93 11.41 -2.86
C GLU C 30 -46.64 10.15 -3.34
N THR C 31 -45.91 9.05 -3.47
CA THR C 31 -46.49 7.81 -3.95
C THR C 31 -46.72 6.73 -2.88
N PHE C 32 -45.99 6.79 -1.77
CA PHE C 32 -46.15 5.78 -0.74
C PHE C 32 -46.42 6.28 0.67
N LEU C 33 -46.29 7.59 0.91
CA LEU C 33 -46.50 8.12 2.24
C LEU C 33 -47.74 9.00 2.38
N GLU C 34 -48.42 8.85 3.52
CA GLU C 34 -49.62 9.63 3.83
C GLU C 34 -49.21 10.79 4.73
N ASP C 35 -49.81 11.95 4.52
CA ASP C 35 -49.50 13.14 5.33
C ASP C 35 -48.02 13.50 5.20
N ALA C 36 -47.47 13.28 4.00
CA ALA C 36 -46.06 13.58 3.75
C ALA C 36 -45.76 15.04 4.11
N ARG C 37 -44.66 15.25 4.82
CA ARG C 37 -44.26 16.59 5.22
C ARG C 37 -42.77 16.79 4.95
N GLU C 38 -42.42 17.89 4.29
CA GLU C 38 -41.03 18.17 3.97
C GLU C 38 -40.33 18.66 5.23
N VAL C 39 -39.23 17.99 5.60
CA VAL C 39 -38.51 18.37 6.80
C VAL C 39 -37.11 18.95 6.54
N ASN C 40 -36.67 18.93 5.29
CA ASN C 40 -35.34 19.46 4.96
C ASN C 40 -35.21 19.81 3.49
N ASN C 41 -34.43 20.85 3.21
CA ASN C 41 -34.20 21.30 1.84
C ASN C 41 -32.82 21.97 1.69
N VAL C 42 -31.98 21.84 2.72
CA VAL C 42 -30.64 22.41 2.67
C VAL C 42 -29.89 21.75 1.51
N ARG C 43 -29.22 22.57 0.70
CA ARG C 43 -28.49 22.08 -0.46
C ARG C 43 -29.39 21.34 -1.44
N GLY C 44 -30.70 21.40 -1.21
CA GLY C 44 -31.64 20.74 -2.11
C GLY C 44 -31.85 19.26 -1.82
N MET C 45 -31.27 18.77 -0.74
CA MET C 45 -31.40 17.36 -0.39
C MET C 45 -32.74 17.16 0.34
N LEU C 46 -33.81 17.12 -0.43
CA LEU C 46 -35.18 16.95 0.08
C LEU C 46 -35.40 15.80 1.05
N GLY C 47 -36.02 16.10 2.20
CA GLY C 47 -36.30 15.09 3.20
C GLY C 47 -37.77 15.11 3.60
N PHE C 48 -38.39 13.94 3.70
CA PHE C 48 -39.81 13.86 4.05
C PHE C 48 -40.12 12.85 5.15
N THR C 49 -41.18 13.13 5.90
CA THR C 49 -41.62 12.26 6.98
C THR C 49 -43.14 12.09 6.90
N GLY C 50 -43.58 10.85 6.75
CA GLY C 50 -45.00 10.58 6.65
C GLY C 50 -45.40 9.31 7.36
N THR C 51 -46.38 8.60 6.80
CA THR C 51 -46.88 7.37 7.37
C THR C 51 -47.12 6.31 6.32
N TYR C 52 -46.86 5.06 6.68
CA TYR C 52 -47.08 3.94 5.78
C TYR C 52 -47.82 2.88 6.60
N LYS C 53 -49.08 2.64 6.24
CA LYS C 53 -49.90 1.67 6.96
C LYS C 53 -49.79 1.92 8.46
N GLY C 54 -49.79 3.20 8.82
CA GLY C 54 -49.71 3.57 10.22
C GLY C 54 -48.32 3.85 10.75
N ARG C 55 -47.30 3.23 10.16
CA ARG C 55 -45.92 3.42 10.60
C ARG C 55 -45.28 4.72 10.15
N LYS C 56 -44.66 5.42 11.10
CA LYS C 56 -43.97 6.67 10.80
C LYS C 56 -42.72 6.31 9.99
N ILE C 57 -42.51 7.02 8.88
CA ILE C 57 -41.38 6.76 7.99
C ILE C 57 -40.84 8.05 7.40
N SER C 58 -39.53 8.09 7.15
CA SER C 58 -38.87 9.25 6.56
C SER C 58 -38.14 8.84 5.28
N VAL C 59 -37.97 9.77 4.35
CA VAL C 59 -37.28 9.52 3.11
C VAL C 59 -36.52 10.77 2.68
N MET C 60 -35.22 10.60 2.43
CA MET C 60 -34.35 11.72 2.04
C MET C 60 -33.17 11.25 1.19
N GLY C 61 -32.82 12.04 0.18
CA GLY C 61 -31.71 11.69 -0.69
C GLY C 61 -30.39 11.83 0.05
N HIS C 62 -29.33 11.22 -0.47
CA HIS C 62 -28.03 11.31 0.19
C HIS C 62 -26.89 11.71 -0.74
N GLY C 63 -27.23 12.11 -1.97
CA GLY C 63 -26.21 12.53 -2.92
C GLY C 63 -25.43 11.36 -3.50
N MET C 64 -24.43 11.63 -4.34
CA MET C 64 -23.64 10.56 -4.94
C MET C 64 -22.26 10.38 -4.29
N GLY C 65 -21.88 9.14 -4.07
CA GLY C 65 -20.57 8.86 -3.48
C GLY C 65 -20.51 8.70 -1.98
N ILE C 66 -19.50 7.96 -1.52
CA ILE C 66 -19.28 7.70 -0.11
C ILE C 66 -19.20 8.96 0.79
N PRO C 67 -18.40 9.96 0.38
CA PRO C 67 -18.28 11.18 1.20
C PRO C 67 -19.61 11.89 1.45
N SER C 68 -20.47 11.89 0.43
CA SER C 68 -21.78 12.54 0.52
C SER C 68 -22.75 11.85 1.47
N CYS C 69 -22.96 10.54 1.28
CA CYS C 69 -23.89 9.81 2.13
C CYS C 69 -23.40 9.64 3.57
N SER C 70 -22.08 9.64 3.77
CA SER C 70 -21.51 9.49 5.12
C SER C 70 -21.91 10.68 5.98
N ILE C 71 -21.94 11.86 5.37
CA ILE C 71 -22.30 13.07 6.08
C ILE C 71 -23.76 13.01 6.56
N TYR C 72 -24.68 12.74 5.64
CA TYR C 72 -26.10 12.67 5.99
C TYR C 72 -26.44 11.52 6.94
N THR C 73 -25.95 10.32 6.65
CA THR C 73 -26.24 9.17 7.52
C THR C 73 -25.68 9.40 8.92
N LYS C 74 -24.59 10.15 9.00
CA LYS C 74 -23.96 10.44 10.29
C LYS C 74 -24.83 11.41 11.10
N GLU C 75 -25.20 12.54 10.48
CA GLU C 75 -26.02 13.52 11.15
C GLU C 75 -27.37 12.97 11.58
N LEU C 76 -28.00 12.14 10.74
CA LEU C 76 -29.28 11.54 11.07
C LEU C 76 -29.17 10.64 12.31
N ILE C 77 -28.07 9.90 12.38
CA ILE C 77 -27.84 8.97 13.49
C ILE C 77 -27.48 9.63 14.82
N THR C 78 -26.73 10.73 14.77
CA THR C 78 -26.33 11.38 16.02
C THR C 78 -27.21 12.52 16.53
N ASP C 79 -27.95 13.17 15.64
CA ASP C 79 -28.78 14.29 16.09
C ASP C 79 -30.29 14.17 15.87
N PHE C 80 -30.75 13.06 15.31
CA PHE C 80 -32.19 12.89 15.10
C PHE C 80 -32.69 11.51 15.50
N GLY C 81 -31.87 10.79 16.26
CA GLY C 81 -32.24 9.47 16.73
C GLY C 81 -32.62 8.42 15.70
N VAL C 82 -32.03 8.47 14.51
CA VAL C 82 -32.35 7.48 13.49
C VAL C 82 -31.67 6.15 13.83
N LYS C 83 -32.46 5.08 13.81
CA LYS C 83 -31.97 3.74 14.15
C LYS C 83 -31.64 2.88 12.94
N LYS C 84 -32.44 2.99 11.90
CA LYS C 84 -32.22 2.19 10.69
C LYS C 84 -32.17 3.03 9.42
N ILE C 85 -31.18 2.75 8.58
CA ILE C 85 -31.04 3.45 7.31
C ILE C 85 -31.21 2.39 6.22
N ILE C 86 -31.97 2.71 5.19
CA ILE C 86 -32.18 1.77 4.10
C ILE C 86 -31.97 2.47 2.76
N ARG C 87 -30.83 2.21 2.13
CA ARG C 87 -30.55 2.81 0.85
C ARG C 87 -31.30 2.09 -0.27
N VAL C 88 -31.97 2.86 -1.10
CA VAL C 88 -32.71 2.31 -2.23
C VAL C 88 -32.24 3.05 -3.47
N GLY C 89 -31.37 2.40 -4.24
CA GLY C 89 -30.85 3.04 -5.44
C GLY C 89 -30.59 2.10 -6.62
N SER C 90 -29.85 2.60 -7.60
CA SER C 90 -29.52 1.83 -8.80
C SER C 90 -28.08 1.29 -8.75
N CYS C 91 -27.78 0.32 -9.61
CA CYS C 91 -26.46 -0.26 -9.66
C CYS C 91 -26.18 -0.89 -11.03
N GLY C 92 -24.90 -1.00 -11.38
CA GLY C 92 -24.51 -1.59 -12.66
C GLY C 92 -24.11 -3.04 -12.45
N ALA C 93 -24.56 -3.92 -13.35
CA ALA C 93 -24.25 -5.34 -13.23
C ALA C 93 -23.00 -5.77 -13.99
N VAL C 94 -22.34 -6.79 -13.47
CA VAL C 94 -21.13 -7.33 -14.07
C VAL C 94 -21.29 -8.80 -14.44
N LEU C 95 -22.17 -9.51 -13.74
CA LEU C 95 -22.41 -10.92 -14.04
C LEU C 95 -23.41 -11.05 -15.19
N PRO C 96 -23.08 -11.91 -16.18
CA PRO C 96 -23.93 -12.14 -17.35
C PRO C 96 -25.35 -12.62 -17.01
N HIS C 97 -25.46 -13.49 -16.01
CA HIS C 97 -26.76 -14.02 -15.64
C HIS C 97 -27.63 -13.04 -14.84
N VAL C 98 -27.03 -11.93 -14.41
CA VAL C 98 -27.76 -10.91 -13.67
C VAL C 98 -28.26 -9.91 -14.71
N LYS C 99 -29.55 -9.93 -14.99
CA LYS C 99 -30.14 -9.04 -15.99
C LYS C 99 -30.74 -7.77 -15.40
N LEU C 100 -31.12 -6.85 -16.28
CA LEU C 100 -31.70 -5.57 -15.86
C LEU C 100 -33.01 -5.73 -15.10
N ARG C 101 -33.33 -4.73 -14.29
CA ARG C 101 -34.54 -4.70 -13.47
C ARG C 101 -34.42 -5.62 -12.26
N ASP C 102 -33.38 -6.45 -12.23
CA ASP C 102 -33.16 -7.36 -11.11
C ASP C 102 -32.95 -6.61 -9.80
N VAL C 103 -33.42 -7.20 -8.70
CA VAL C 103 -33.28 -6.58 -7.38
C VAL C 103 -32.20 -7.30 -6.58
N VAL C 104 -31.25 -6.52 -6.05
CA VAL C 104 -30.16 -7.09 -5.28
C VAL C 104 -30.08 -6.56 -3.85
N ILE C 105 -29.84 -7.47 -2.91
CA ILE C 105 -29.72 -7.12 -1.49
C ILE C 105 -28.24 -7.21 -1.13
N GLY C 106 -27.68 -6.10 -0.64
CA GLY C 106 -26.28 -6.08 -0.29
C GLY C 106 -25.94 -6.54 1.12
N MET C 107 -25.67 -7.82 1.25
CA MET C 107 -25.30 -8.40 2.53
C MET C 107 -23.94 -7.80 2.92
N GLY C 108 -23.08 -7.63 1.91
CA GLY C 108 -21.77 -7.05 2.13
C GLY C 108 -21.47 -6.04 1.05
N ALA C 109 -20.39 -5.28 1.22
CA ALA C 109 -20.00 -4.28 0.25
C ALA C 109 -18.49 -4.11 0.11
N CYS C 110 -17.98 -4.36 -1.09
CA CYS C 110 -16.55 -4.21 -1.38
C CYS C 110 -16.39 -2.77 -1.81
N THR C 111 -15.16 -2.24 -1.74
CA THR C 111 -14.93 -0.87 -2.16
C THR C 111 -13.47 -0.62 -2.50
N ASP C 112 -13.19 0.42 -3.27
CA ASP C 112 -11.82 0.78 -3.61
C ASP C 112 -11.52 2.09 -2.91
N SER C 113 -12.43 2.46 -1.99
CA SER C 113 -12.31 3.66 -1.20
C SER C 113 -11.39 3.37 -0.01
N LYS C 114 -10.85 4.43 0.60
CA LYS C 114 -9.97 4.27 1.75
C LYS C 114 -10.64 4.58 3.10
N VAL C 115 -11.89 5.02 3.09
CA VAL C 115 -12.56 5.38 4.34
C VAL C 115 -12.51 4.31 5.45
N ASN C 116 -12.74 3.05 5.10
CA ASN C 116 -12.72 1.99 6.11
C ASN C 116 -11.31 1.60 6.54
N ARG C 117 -10.32 1.81 5.68
CA ARG C 117 -8.95 1.48 6.08
C ARG C 117 -8.48 2.50 7.08
N ILE C 118 -8.93 3.73 6.91
CA ILE C 118 -8.57 4.80 7.82
C ILE C 118 -9.19 4.52 9.20
N ARG C 119 -10.39 3.94 9.22
CA ARG C 119 -11.07 3.61 10.48
C ARG C 119 -10.50 2.35 11.13
N PHE C 120 -10.04 1.41 10.30
CA PHE C 120 -9.55 0.10 10.78
C PHE C 120 -8.04 -0.14 10.77
N LYS C 121 -7.26 0.91 11.03
CA LYS C 121 -5.80 0.83 11.08
C LYS C 121 -5.15 0.19 9.87
N ASP C 122 -5.68 0.49 8.69
CA ASP C 122 -5.14 0.00 7.43
C ASP C 122 -5.30 -1.50 7.17
N HIS C 123 -6.23 -2.15 7.87
CA HIS C 123 -6.49 -3.57 7.69
C HIS C 123 -7.80 -3.76 6.92
N ASP C 124 -8.21 -5.00 6.70
CA ASP C 124 -9.45 -5.29 5.98
C ASP C 124 -10.70 -5.31 6.87
N PHE C 125 -11.58 -4.32 6.73
CA PHE C 125 -12.82 -4.31 7.50
C PHE C 125 -13.92 -4.79 6.56
N ALA C 126 -14.65 -5.84 6.97
CA ALA C 126 -15.72 -6.37 6.15
C ALA C 126 -17.02 -5.58 6.37
N ALA C 127 -17.28 -4.63 5.47
CA ALA C 127 -18.47 -3.80 5.56
C ALA C 127 -19.72 -4.64 5.30
N ILE C 128 -20.49 -4.89 6.35
CA ILE C 128 -21.70 -5.71 6.24
C ILE C 128 -22.96 -5.03 6.75
N ALA C 129 -24.11 -5.52 6.29
CA ALA C 129 -25.40 -5.00 6.71
C ALA C 129 -25.91 -5.74 7.95
N ASP C 130 -26.94 -5.21 8.58
CA ASP C 130 -27.53 -5.85 9.75
C ASP C 130 -28.24 -7.11 9.26
N PHE C 131 -27.94 -8.25 9.90
CA PHE C 131 -28.54 -9.51 9.48
C PHE C 131 -30.08 -9.52 9.43
N ASP C 132 -30.73 -9.12 10.52
CA ASP C 132 -32.19 -9.10 10.54
C ASP C 132 -32.78 -8.29 9.40
N MET C 133 -32.21 -7.11 9.14
CA MET C 133 -32.71 -6.26 8.06
C MET C 133 -32.63 -6.97 6.71
N VAL C 134 -31.56 -7.74 6.52
CA VAL C 134 -31.39 -8.48 5.27
C VAL C 134 -32.47 -9.56 5.20
N ARG C 135 -32.65 -10.26 6.32
CA ARG C 135 -33.66 -11.31 6.42
C ARG C 135 -35.05 -10.75 6.16
N ASN C 136 -35.36 -9.60 6.75
CA ASN C 136 -36.66 -8.96 6.57
C ASN C 136 -36.91 -8.69 5.09
N ALA C 137 -35.93 -8.08 4.43
CA ALA C 137 -36.03 -7.75 3.02
C ALA C 137 -36.27 -8.96 2.14
N VAL C 138 -35.61 -10.06 2.46
CA VAL C 138 -35.76 -11.28 1.67
C VAL C 138 -37.17 -11.86 1.82
N ASP C 139 -37.71 -11.79 3.02
CA ASP C 139 -39.06 -12.30 3.29
C ASP C 139 -40.12 -11.41 2.67
N ALA C 140 -39.94 -10.10 2.80
CA ALA C 140 -40.90 -9.15 2.23
C ALA C 140 -40.92 -9.36 0.72
N ALA C 141 -39.76 -9.73 0.17
CA ALA C 141 -39.61 -9.95 -1.27
C ALA C 141 -40.41 -11.18 -1.73
N LYS C 142 -40.31 -12.26 -0.96
CA LYS C 142 -41.03 -13.49 -1.30
C LYS C 142 -42.54 -13.26 -1.20
N ALA C 143 -42.94 -12.49 -0.20
CA ALA C 143 -44.35 -12.19 0.03
C ALA C 143 -44.95 -11.37 -1.12
N LEU C 144 -44.09 -10.64 -1.83
CA LEU C 144 -44.54 -9.83 -2.96
C LEU C 144 -44.32 -10.55 -4.28
N GLY C 145 -43.77 -11.76 -4.21
CA GLY C 145 -43.52 -12.53 -5.43
C GLY C 145 -42.41 -11.93 -6.29
N ILE C 146 -41.59 -11.08 -5.68
CA ILE C 146 -40.48 -10.43 -6.37
C ILE C 146 -39.14 -11.12 -6.11
N ASP C 147 -38.39 -11.40 -7.16
CA ASP C 147 -37.09 -12.04 -7.03
C ASP C 147 -36.10 -11.11 -6.32
N ALA C 148 -35.05 -11.69 -5.74
CA ALA C 148 -34.05 -10.90 -5.03
C ALA C 148 -32.77 -11.69 -4.74
N ARG C 149 -31.64 -11.17 -5.20
CA ARG C 149 -30.35 -11.83 -4.99
C ARG C 149 -29.64 -11.23 -3.77
N VAL C 150 -29.10 -12.09 -2.92
CA VAL C 150 -28.39 -11.64 -1.73
C VAL C 150 -26.90 -11.90 -1.88
N GLY C 151 -26.09 -10.86 -1.68
CA GLY C 151 -24.65 -11.03 -1.80
C GLY C 151 -23.82 -9.75 -1.69
N ASN C 152 -22.69 -9.72 -2.39
CA ASN C 152 -21.79 -8.58 -2.36
C ASN C 152 -22.03 -7.53 -3.43
N LEU C 153 -21.84 -6.27 -3.03
CA LEU C 153 -21.93 -5.13 -3.92
C LEU C 153 -20.52 -4.53 -3.92
N PHE C 154 -20.26 -3.64 -4.86
CA PHE C 154 -18.97 -2.96 -4.92
C PHE C 154 -19.25 -1.47 -4.94
N SER C 155 -18.75 -0.76 -3.93
CA SER C 155 -18.92 0.68 -3.84
C SER C 155 -17.68 1.35 -4.44
N ALA C 156 -17.84 1.94 -5.62
CA ALA C 156 -16.75 2.60 -6.33
C ALA C 156 -16.67 4.10 -6.07
N ASP C 157 -15.46 4.65 -6.09
CA ASP C 157 -15.23 6.08 -5.90
C ASP C 157 -15.32 6.80 -7.24
N LEU C 158 -14.97 6.10 -8.31
CA LEU C 158 -15.00 6.68 -9.66
C LEU C 158 -15.98 6.02 -10.63
N PHE C 159 -17.08 6.72 -10.92
CA PHE C 159 -18.09 6.23 -11.85
C PHE C 159 -17.39 6.00 -13.19
N TYR C 160 -16.47 6.91 -13.52
CA TYR C 160 -15.69 6.80 -14.76
C TYR C 160 -14.29 6.31 -14.39
N SER C 161 -14.22 5.03 -14.07
CA SER C 161 -12.98 4.40 -13.66
C SER C 161 -12.04 4.11 -14.82
N PRO C 162 -10.75 4.46 -14.65
CA PRO C 162 -9.75 4.24 -15.69
C PRO C 162 -9.24 2.80 -15.66
N ASP C 163 -9.62 2.05 -14.62
CA ASP C 163 -9.19 0.67 -14.48
C ASP C 163 -10.23 -0.33 -14.98
N GLY C 164 -10.27 -0.54 -16.29
CA GLY C 164 -11.23 -1.47 -16.88
C GLY C 164 -11.10 -2.90 -16.39
N GLU C 165 -9.87 -3.37 -16.21
CA GLU C 165 -9.62 -4.74 -15.77
C GLU C 165 -10.33 -5.11 -14.46
N MET C 166 -10.51 -4.13 -13.57
CA MET C 166 -11.14 -4.37 -12.28
C MET C 166 -12.54 -4.97 -12.37
N PHE C 167 -13.22 -4.78 -13.50
CA PHE C 167 -14.55 -5.35 -13.67
C PHE C 167 -14.50 -6.87 -13.83
N ASP C 168 -13.42 -7.36 -14.43
CA ASP C 168 -13.25 -8.81 -14.62
C ASP C 168 -13.02 -9.46 -13.27
N VAL C 169 -12.23 -8.78 -12.43
CA VAL C 169 -11.94 -9.25 -11.08
C VAL C 169 -13.25 -9.26 -10.28
N MET C 170 -14.07 -8.22 -10.47
CA MET C 170 -15.35 -8.15 -9.76
C MET C 170 -16.20 -9.35 -10.15
N GLU C 171 -16.33 -9.56 -11.45
CA GLU C 171 -17.11 -10.66 -11.98
C GLU C 171 -16.61 -11.99 -11.42
N LYS C 172 -15.30 -12.19 -11.46
CA LYS C 172 -14.70 -13.42 -10.96
C LYS C 172 -15.10 -13.73 -9.52
N TYR C 173 -15.20 -12.69 -8.70
CA TYR C 173 -15.53 -12.88 -7.29
C TYR C 173 -17.02 -12.74 -6.95
N GLY C 174 -17.85 -12.75 -7.99
CA GLY C 174 -19.29 -12.69 -7.81
C GLY C 174 -19.99 -11.41 -7.42
N ILE C 175 -19.39 -10.26 -7.72
CA ILE C 175 -20.03 -8.98 -7.38
C ILE C 175 -21.36 -8.89 -8.12
N LEU C 176 -22.45 -8.74 -7.37
CA LEU C 176 -23.79 -8.67 -7.96
C LEU C 176 -24.14 -7.28 -8.52
N GLY C 177 -23.65 -6.23 -7.87
CA GLY C 177 -23.95 -4.88 -8.35
C GLY C 177 -22.89 -3.84 -8.04
N VAL C 178 -22.69 -2.91 -8.96
CA VAL C 178 -21.71 -1.85 -8.79
C VAL C 178 -22.37 -0.50 -8.55
N GLU C 179 -22.18 0.06 -7.37
CA GLU C 179 -22.75 1.36 -7.05
C GLU C 179 -21.72 2.25 -6.39
N MET C 180 -22.14 3.24 -5.60
CA MET C 180 -21.18 4.16 -4.99
C MET C 180 -21.42 4.60 -3.54
N GLU C 181 -22.09 3.79 -2.74
CA GLU C 181 -22.37 4.22 -1.37
C GLU C 181 -22.35 3.17 -0.27
N ALA C 182 -22.84 1.98 -0.58
CA ALA C 182 -22.94 0.89 0.39
C ALA C 182 -21.80 0.70 1.39
N ALA C 183 -20.57 0.61 0.90
CA ALA C 183 -19.42 0.40 1.77
C ALA C 183 -19.26 1.52 2.81
N GLY C 184 -19.65 2.73 2.44
CA GLY C 184 -19.54 3.85 3.35
C GLY C 184 -20.64 3.86 4.40
N ILE C 185 -21.86 3.53 3.99
CA ILE C 185 -23.00 3.52 4.91
C ILE C 185 -22.81 2.44 5.98
N TYR C 186 -22.17 1.34 5.61
CA TYR C 186 -21.93 0.26 6.55
C TYR C 186 -20.83 0.67 7.52
N GLY C 187 -19.90 1.50 7.04
CA GLY C 187 -18.83 1.98 7.89
C GLY C 187 -19.36 2.92 8.95
N VAL C 188 -20.20 3.87 8.53
CA VAL C 188 -20.80 4.85 9.45
C VAL C 188 -21.69 4.16 10.48
N ALA C 189 -22.55 3.26 10.02
CA ALA C 189 -23.44 2.53 10.92
C ALA C 189 -22.63 1.84 12.00
N ALA C 190 -21.56 1.15 11.61
CA ALA C 190 -20.73 0.44 12.57
C ALA C 190 -20.03 1.41 13.51
N GLU C 191 -19.56 2.53 12.98
CA GLU C 191 -18.87 3.53 13.78
C GLU C 191 -19.78 4.25 14.78
N PHE C 192 -20.99 4.63 14.35
CA PHE C 192 -21.89 5.36 15.25
C PHE C 192 -22.97 4.53 15.94
N GLY C 193 -22.91 3.21 15.78
CA GLY C 193 -23.88 2.34 16.43
C GLY C 193 -25.31 2.33 15.92
N ALA C 194 -25.50 1.96 14.67
CA ALA C 194 -26.84 1.87 14.07
C ALA C 194 -26.88 0.66 13.16
N LYS C 195 -27.97 0.49 12.44
CA LYS C 195 -28.13 -0.63 11.53
C LYS C 195 -28.43 -0.09 10.13
N ALA C 196 -27.96 -0.79 9.11
CA ALA C 196 -28.18 -0.36 7.75
C ALA C 196 -28.29 -1.50 6.75
N LEU C 197 -28.92 -1.20 5.61
CA LEU C 197 -29.09 -2.18 4.53
C LEU C 197 -29.16 -1.43 3.21
N THR C 198 -28.54 -1.99 2.17
CA THR C 198 -28.58 -1.38 0.87
C THR C 198 -29.28 -2.29 -0.12
N ILE C 199 -30.30 -1.76 -0.79
CA ILE C 199 -31.05 -2.51 -1.78
C ILE C 199 -30.91 -1.75 -3.09
N CYS C 200 -30.60 -2.45 -4.17
CA CYS C 200 -30.44 -1.79 -5.47
C CYS C 200 -31.19 -2.47 -6.61
N THR C 201 -31.48 -1.68 -7.63
CA THR C 201 -32.16 -2.16 -8.82
C THR C 201 -31.14 -2.09 -9.95
N VAL C 202 -30.92 -3.20 -10.64
CA VAL C 202 -29.96 -3.24 -11.73
C VAL C 202 -30.38 -2.38 -12.91
N SER C 203 -29.77 -1.20 -13.03
CA SER C 203 -30.07 -0.28 -14.12
C SER C 203 -29.36 -0.78 -15.36
N ASP C 204 -28.34 -0.05 -15.78
CA ASP C 204 -27.56 -0.41 -16.95
C ASP C 204 -26.72 -1.65 -16.71
N HIS C 205 -25.99 -2.07 -17.74
CA HIS C 205 -25.12 -3.22 -17.65
C HIS C 205 -23.74 -2.74 -18.09
N ILE C 206 -22.80 -2.70 -17.15
CA ILE C 206 -21.45 -2.24 -17.43
C ILE C 206 -20.84 -2.84 -18.70
N ARG C 207 -21.27 -4.04 -19.05
CA ARG C 207 -20.76 -4.72 -20.24
C ARG C 207 -21.51 -4.32 -21.51
N THR C 208 -22.76 -4.79 -21.62
CA THR C 208 -23.60 -4.52 -22.78
C THR C 208 -23.89 -3.05 -23.05
N HIS C 209 -23.87 -2.23 -22.00
CA HIS C 209 -24.12 -0.80 -22.14
C HIS C 209 -25.56 -0.52 -22.54
N GLU C 210 -26.41 -0.27 -21.54
CA GLU C 210 -27.82 0.01 -21.77
C GLU C 210 -28.50 0.34 -20.44
N GLN C 211 -28.69 1.63 -20.19
CA GLN C 211 -29.32 2.09 -18.95
C GLN C 211 -30.82 1.82 -18.93
N THR C 212 -31.49 2.36 -17.92
CA THR C 212 -32.92 2.20 -17.76
C THR C 212 -33.68 2.64 -19.02
N THR C 213 -34.92 2.18 -19.17
CA THR C 213 -35.71 2.54 -20.35
C THR C 213 -37.23 2.37 -20.17
N ALA C 214 -37.99 3.06 -21.02
CA ALA C 214 -39.44 3.00 -21.01
C ALA C 214 -40.06 3.21 -19.63
N ALA C 215 -41.15 2.50 -19.35
CA ALA C 215 -41.84 2.60 -18.08
C ALA C 215 -41.43 1.48 -17.14
N GLU C 216 -40.46 0.67 -17.57
CA GLU C 216 -39.97 -0.43 -16.75
C GLU C 216 -39.31 0.10 -15.49
N ARG C 217 -38.74 1.31 -15.60
CA ARG C 217 -38.07 1.94 -14.48
C ARG C 217 -38.98 2.04 -13.27
N GLN C 218 -40.00 2.88 -13.39
CA GLN C 218 -40.97 3.11 -12.32
C GLN C 218 -41.48 1.82 -11.67
N THR C 219 -42.00 0.91 -12.48
CA THR C 219 -42.53 -0.35 -11.96
C THR C 219 -41.51 -1.10 -11.10
N THR C 220 -40.32 -1.35 -11.66
CA THR C 220 -39.29 -2.06 -10.92
C THR C 220 -38.85 -1.25 -9.70
N PHE C 221 -38.74 0.07 -9.87
CA PHE C 221 -38.35 0.94 -8.77
C PHE C 221 -39.39 0.86 -7.66
N ASN C 222 -40.66 0.85 -8.04
CA ASN C 222 -41.72 0.76 -7.06
C ASN C 222 -41.67 -0.57 -6.32
N ASP C 223 -41.21 -1.61 -7.00
CA ASP C 223 -41.09 -2.91 -6.36
C ASP C 223 -40.05 -2.82 -5.25
N MET C 224 -38.93 -2.18 -5.56
CA MET C 224 -37.86 -2.01 -4.58
C MET C 224 -38.38 -1.24 -3.36
N ILE C 225 -39.03 -0.10 -3.61
CA ILE C 225 -39.57 0.72 -2.53
C ILE C 225 -40.56 -0.09 -1.69
N LYS C 226 -41.35 -0.91 -2.36
CA LYS C 226 -42.34 -1.74 -1.69
C LYS C 226 -41.65 -2.72 -0.76
N ILE C 227 -40.63 -3.40 -1.28
CA ILE C 227 -39.87 -4.38 -0.50
C ILE C 227 -39.26 -3.74 0.74
N ALA C 228 -38.72 -2.53 0.58
CA ALA C 228 -38.09 -1.83 1.69
C ALA C 228 -39.10 -1.45 2.77
N LEU C 229 -40.24 -0.91 2.35
CA LEU C 229 -41.29 -0.50 3.28
C LEU C 229 -41.89 -1.67 4.05
N GLU C 230 -42.10 -2.78 3.36
CA GLU C 230 -42.67 -3.96 4.00
C GLU C 230 -41.65 -4.59 4.95
N SER C 231 -40.36 -4.48 4.62
CA SER C 231 -39.33 -5.07 5.48
C SER C 231 -39.31 -4.38 6.83
N VAL C 232 -39.62 -3.08 6.84
CA VAL C 232 -39.65 -2.32 8.08
C VAL C 232 -40.76 -2.85 8.99
N LEU C 233 -41.89 -3.21 8.38
CA LEU C 233 -43.03 -3.72 9.14
C LEU C 233 -42.72 -5.08 9.77
N LEU C 234 -42.09 -5.96 8.99
CA LEU C 234 -41.71 -7.28 9.49
C LEU C 234 -40.71 -7.13 10.63
N GLY C 235 -40.00 -6.01 10.63
CA GLY C 235 -39.00 -5.77 11.65
C GLY C 235 -39.59 -5.25 12.95
N ASP C 236 -40.73 -4.56 12.86
CA ASP C 236 -41.39 -4.03 14.05
C ASP C 236 -42.00 -5.14 14.87
N LYS C 237 -42.54 -6.15 14.18
CA LYS C 237 -43.17 -7.29 14.83
C LYS C 237 -42.24 -7.91 15.88
P PO4 D . 21.25 17.65 -12.27
O1 PO4 D . 19.88 17.25 -12.67
O2 PO4 D . 21.20 18.97 -11.59
O3 PO4 D . 21.81 16.63 -11.35
O4 PO4 D . 22.10 17.76 -13.48
N9 6MP E . 17.22 12.91 -13.50
C4 6MP E . 16.70 11.91 -14.42
N3 6MP E . 15.90 10.76 -14.14
C2 6MP E . 15.57 10.01 -15.25
N1 6MP E . 15.95 10.30 -16.55
C6 6MP E . 16.75 11.44 -16.81
C7 6MP E . 17.15 11.72 -18.27
C5 6MP E . 17.15 12.32 -15.71
N7 6MP E . 17.91 13.47 -15.64
C8 6MP E . 17.91 13.76 -14.35
P PO4 F . 7.41 -29.13 4.95
O1 PO4 F . 7.90 -28.12 3.97
O2 PO4 F . 7.33 -30.46 4.31
O3 PO4 F . 8.35 -29.20 6.10
O4 PO4 F . 6.06 -28.73 5.44
N9 6MP G . 5.54 -24.72 -1.26
C4 6MP G . 4.96 -23.98 -2.36
N3 6MP G . 4.28 -22.72 -2.34
C2 6MP G . 3.83 -22.28 -3.58
N1 6MP G . 4.00 -22.96 -4.77
C6 6MP G . 4.67 -24.20 -4.77
C7 6MP G . 4.85 -24.93 -6.13
C5 6MP G . 5.19 -24.77 -3.53
N7 6MP G . 5.88 -25.93 -3.21
C8 6MP G . 6.04 -25.84 -1.90
P PO4 H . -28.67 6.19 -6.86
O1 PO4 H . -29.41 6.46 -8.11
O2 PO4 H . -29.62 6.00 -5.74
O3 PO4 H . -27.84 4.96 -7.02
O4 PO4 H . -27.78 7.35 -6.55
N9 6MP I . -24.38 2.92 -11.49
C4 6MP I . -22.95 2.90 -11.29
N3 6MP I . -22.20 3.15 -10.10
C2 6MP I . -20.82 3.04 -10.27
N1 6MP I . -20.18 2.73 -11.44
C6 6MP I . -20.94 2.47 -12.61
C7 6MP I . -20.19 2.12 -13.90
C5 6MP I . -22.40 2.56 -12.57
N7 6MP I . -23.39 2.38 -13.51
C8 6MP I . -24.50 2.60 -12.83
#